data_6Y0X
#
_entry.id   6Y0X
#
_cell.length_a   100.510
_cell.length_b   100.510
_cell.length_c   271.653
_cell.angle_alpha   90.000
_cell.angle_beta   90.000
_cell.angle_gamma   90.000
#
_symmetry.space_group_name_H-M   'P 41 21 2'
#
loop_
_entity.id
_entity.type
_entity.pdbx_description
1 polymer 'Fucose-binding lectin protein'
2 polymer SB6
3 polymer SB6
4 non-polymer '3,7-anhydro-2,8-dideoxy-L-glycero-D-gluco-octonic acid'
5 non-polymer D-LYSINE
6 water water
#
loop_
_entity_poly.entity_id
_entity_poly.type
_entity_poly.pdbx_seq_one_letter_code
_entity_poly.pdbx_strand_id
1 'polypeptide(L)'
;MSSVQTAATSWGTVPSIRVYTANNGKITERCWDGKGWYTGAFNEPGDNVSVTSWLVGSAIHIRVYASTGTTTTEWCWDGN
GWTKGAYTATN
;
A,B,C,D,E,F
2 'polypeptide(D)' (DLY)(DTY)(DLY)(DLY)(DAL)(DLE)(DLY)(DLY)(DLE)(DAL)(DLY)(DLE) I,K,R
3 'polypeptide(D)' (DLY)(DTY)(DLY)(DLY)(DAL)(DLE)(DLY)(DLY)(DLE)(DAL)(DLY)(DLE)(NH2) J,L,M,O,Q
#
loop_
_chem_comp.id
_chem_comp.type
_chem_comp.name
_chem_comp.formula
NH2 non-polymer 'AMINO GROUP' 'H2 N'
ZDC D-saccharide '3,7-anhydro-2,8-dideoxy-L-glycero-D-gluco-octonic acid' 'C8 H14 O6'
#
# COMPACT_ATOMS: atom_id res chain seq x y z
N SER A 2 17.40 -31.51 -2.46
CA SER A 2 16.63 -30.52 -1.71
C SER A 2 17.41 -30.11 -0.46
N SER A 3 16.82 -29.24 0.36
CA SER A 3 17.50 -28.81 1.58
C SER A 3 16.50 -28.44 2.65
N VAL A 4 16.91 -28.62 3.90
CA VAL A 4 16.16 -28.15 5.05
C VAL A 4 16.03 -26.62 4.92
N GLN A 5 15.14 -26.04 5.71
CA GLN A 5 14.86 -24.61 5.64
C GLN A 5 14.86 -24.06 7.07
N THR A 6 15.78 -23.15 7.33
CA THR A 6 15.95 -22.61 8.68
C THR A 6 15.40 -21.19 8.79
N ALA A 7 15.22 -20.78 10.03
CA ALA A 7 14.89 -19.40 10.37
C ALA A 7 15.46 -19.11 11.75
N ALA A 8 16.02 -17.91 11.90
CA ALA A 8 16.69 -17.56 13.14
C ALA A 8 16.18 -16.24 13.69
N THR A 9 16.32 -16.09 15.01
CA THR A 9 16.17 -14.82 15.68
C THR A 9 17.14 -14.81 16.85
N SER A 10 17.59 -13.62 17.20
CA SER A 10 18.46 -13.38 18.34
C SER A 10 17.85 -12.25 19.17
N TRP A 11 18.39 -12.08 20.38
CA TRP A 11 17.98 -10.99 21.23
C TRP A 11 19.03 -10.82 22.32
N GLY A 12 19.14 -9.59 22.82
CA GLY A 12 20.13 -9.31 23.83
C GLY A 12 21.49 -9.03 23.24
N THR A 13 22.47 -8.94 24.14
CA THR A 13 23.85 -8.76 23.73
C THR A 13 24.73 -9.96 24.04
N VAL A 14 24.25 -10.92 24.83
CA VAL A 14 25.04 -12.12 25.14
C VAL A 14 25.47 -12.85 23.88
N PRO A 15 24.59 -13.14 22.91
CA PRO A 15 23.13 -13.03 22.92
C PRO A 15 22.46 -14.36 23.21
N SER A 16 21.15 -14.37 23.04
CA SER A 16 20.36 -15.58 22.97
C SER A 16 19.90 -15.75 21.52
N ILE A 17 20.02 -16.97 21.00
CA ILE A 17 19.69 -17.25 19.61
C ILE A 17 18.79 -18.48 19.56
N ARG A 18 17.69 -18.38 18.81
CA ARG A 18 16.84 -19.52 18.48
C ARG A 18 16.92 -19.76 16.99
N VAL A 19 17.25 -21.00 16.60
CA VAL A 19 17.38 -21.42 15.20
C VAL A 19 16.39 -22.55 14.97
N TYR A 20 15.38 -22.29 14.15
CA TYR A 20 14.33 -23.26 13.84
C TYR A 20 14.62 -23.92 12.50
N THR A 21 14.41 -25.23 12.42
CA THR A 21 14.75 -25.99 11.23
C THR A 21 13.57 -26.88 10.82
N ALA A 22 13.09 -26.68 9.59
CA ALA A 22 12.07 -27.53 8.99
C ALA A 22 12.76 -28.60 8.16
N ASN A 23 12.61 -29.85 8.58
CA ASN A 23 13.31 -30.98 7.94
C ASN A 23 12.32 -32.13 7.82
N ASN A 24 11.94 -32.45 6.59
CA ASN A 24 11.08 -33.59 6.29
C ASN A 24 9.67 -33.44 6.87
N GLY A 25 9.18 -32.20 6.98
CA GLY A 25 7.85 -31.96 7.47
C GLY A 25 7.73 -31.58 8.93
N LYS A 26 8.84 -31.56 9.65
CA LYS A 26 8.83 -31.28 11.08
C LYS A 26 9.77 -30.12 11.36
N ILE A 27 9.37 -29.25 12.29
CA ILE A 27 10.19 -28.11 12.69
C ILE A 27 10.61 -28.31 14.14
N THR A 28 11.91 -28.15 14.39
CA THR A 28 12.49 -28.21 15.74
C THR A 28 13.34 -26.96 15.94
N GLU A 29 13.94 -26.87 17.11
CA GLU A 29 14.50 -25.61 17.58
C GLU A 29 15.82 -25.86 18.29
N ARG A 30 16.86 -25.16 17.86
CA ARG A 30 18.15 -25.17 18.53
C ARG A 30 18.35 -23.83 19.22
N CYS A 31 18.96 -23.87 20.41
CA CYS A 31 18.97 -22.71 21.29
C CYS A 31 20.39 -22.42 21.75
N TRP A 32 20.73 -21.14 21.75
CA TRP A 32 22.00 -20.67 22.29
C TRP A 32 21.69 -19.56 23.28
N ASP A 33 22.21 -19.69 24.49
CA ASP A 33 22.16 -18.63 25.48
C ASP A 33 23.53 -18.42 26.11
N GLY A 34 24.60 -18.66 25.35
CA GLY A 34 25.93 -18.23 25.75
C GLY A 34 26.89 -19.33 26.20
N LYS A 35 26.40 -20.53 26.50
CA LYS A 35 27.24 -21.60 27.05
C LYS A 35 27.03 -22.93 26.30
N GLY A 36 26.62 -22.87 25.03
CA GLY A 36 26.47 -24.07 24.23
C GLY A 36 25.11 -24.21 23.58
N TRP A 37 25.02 -24.93 22.46
CA TRP A 37 23.73 -25.15 21.81
C TRP A 37 23.04 -26.38 22.40
N TYR A 38 21.71 -26.27 22.52
CA TYR A 38 20.87 -27.35 23.00
C TYR A 38 19.55 -27.32 22.23
N THR A 39 18.89 -28.48 22.20
CA THR A 39 17.65 -28.61 21.47
C THR A 39 16.51 -27.99 22.27
N GLY A 40 15.68 -27.19 21.60
CA GLY A 40 14.60 -26.48 22.27
C GLY A 40 13.37 -27.33 22.47
N ALA A 41 12.36 -26.72 23.10
CA ALA A 41 11.10 -27.41 23.33
C ALA A 41 10.16 -27.34 22.14
N PHE A 42 10.45 -26.48 21.16
CA PHE A 42 9.55 -26.32 20.03
C PHE A 42 9.57 -27.56 19.14
N ASN A 43 8.37 -27.99 18.75
CA ASN A 43 8.21 -29.23 18.00
C ASN A 43 6.81 -29.29 17.42
N GLU A 44 6.63 -28.74 16.22
CA GLU A 44 5.33 -28.66 15.55
C GLU A 44 5.50 -28.93 14.07
N PRO A 45 4.45 -29.41 13.40
CA PRO A 45 4.57 -29.76 11.98
C PRO A 45 4.81 -28.52 11.11
N GLY A 46 5.45 -28.77 9.96
CA GLY A 46 5.72 -27.73 9.00
C GLY A 46 6.75 -28.06 7.93
N ASP A 47 6.52 -27.57 6.70
CA ASP A 47 7.48 -27.63 5.61
C ASP A 47 8.16 -26.29 5.35
N ASN A 48 7.73 -25.23 6.01
CA ASN A 48 8.37 -23.92 5.96
C ASN A 48 8.23 -23.25 7.30
N VAL A 49 9.24 -22.47 7.68
CA VAL A 49 9.21 -21.77 8.97
C VAL A 49 9.72 -20.35 8.81
N SER A 50 9.11 -19.43 9.55
CA SER A 50 9.60 -18.07 9.74
C SER A 50 9.49 -17.76 11.22
N VAL A 51 10.25 -16.77 11.67
CA VAL A 51 10.27 -16.48 13.10
C VAL A 51 10.47 -14.98 13.30
N THR A 52 9.79 -14.45 14.31
CA THR A 52 10.06 -13.12 14.85
C THR A 52 10.05 -13.19 16.37
N SER A 53 10.81 -12.28 16.99
CA SER A 53 10.85 -12.16 18.44
C SER A 53 10.85 -10.69 18.80
N TRP A 54 10.66 -10.41 20.10
CA TRP A 54 10.65 -9.04 20.60
C TRP A 54 10.66 -9.09 22.12
N LEU A 55 11.39 -8.15 22.73
CA LEU A 55 11.55 -8.05 24.17
C LEU A 55 10.57 -7.06 24.79
N VAL A 56 9.94 -7.45 25.90
CA VAL A 56 9.35 -6.48 26.82
C VAL A 56 10.18 -6.50 28.10
N GLY A 57 11.21 -5.67 28.14
CA GLY A 57 12.21 -5.70 29.20
C GLY A 57 13.15 -6.87 29.02
N SER A 58 13.13 -7.77 30.00
CA SER A 58 13.94 -8.97 29.98
C SER A 58 13.19 -10.19 29.46
N ALA A 59 11.88 -10.07 29.24
CA ALA A 59 11.04 -11.18 28.81
C ALA A 59 11.05 -11.27 27.30
N ILE A 60 11.25 -12.47 26.79
CA ILE A 60 11.30 -12.72 25.35
C ILE A 60 9.93 -13.19 24.88
N HIS A 61 9.56 -12.76 23.68
CA HIS A 61 8.31 -13.19 23.04
C HIS A 61 8.62 -13.59 21.61
N ILE A 62 8.35 -14.85 21.29
CA ILE A 62 8.69 -15.45 20.01
C ILE A 62 7.41 -15.80 19.25
N ARG A 63 7.42 -15.58 17.94
CA ARG A 63 6.33 -15.97 17.04
C ARG A 63 6.91 -16.78 15.90
N VAL A 64 6.44 -18.02 15.77
CA VAL A 64 6.91 -18.97 14.75
C VAL A 64 5.74 -19.25 13.82
N TYR A 65 5.95 -19.03 12.53
CA TYR A 65 4.90 -19.19 11.52
C TYR A 65 5.21 -20.45 10.71
N ALA A 66 4.62 -21.56 11.16
CA ALA A 66 4.77 -22.87 10.55
C ALA A 66 3.73 -23.07 9.46
N SER A 67 4.19 -23.44 8.27
CA SER A 67 3.33 -23.58 7.10
C SER A 67 3.45 -24.99 6.55
N THR A 68 2.31 -25.53 6.13
CA THR A 68 2.27 -26.87 5.54
C THR A 68 1.17 -26.81 4.49
N GLY A 69 1.55 -26.81 3.22
CA GLY A 69 0.58 -26.45 2.20
C GLY A 69 0.22 -24.99 2.35
N THR A 70 -1.07 -24.69 2.20
CA THR A 70 -1.58 -23.33 2.33
C THR A 70 -1.76 -22.91 3.78
N THR A 71 -1.71 -23.85 4.72
CA THR A 71 -2.06 -23.55 6.11
C THR A 71 -0.82 -23.13 6.88
N THR A 72 -0.82 -21.88 7.36
CA THR A 72 0.23 -21.31 8.17
C THR A 72 -0.29 -21.16 9.60
N THR A 73 0.15 -22.03 10.49
CA THR A 73 -0.12 -21.91 11.92
C THR A 73 0.92 -21.01 12.58
N GLU A 74 0.49 -20.26 13.60
CA GLU A 74 1.37 -19.43 14.42
C GLU A 74 1.54 -20.07 15.79
N TRP A 75 2.78 -20.08 16.28
CA TRP A 75 3.11 -20.62 17.59
C TRP A 75 3.73 -19.53 18.44
N CYS A 76 3.19 -19.35 19.65
CA CYS A 76 3.53 -18.24 20.52
C CYS A 76 4.27 -18.75 21.75
N TRP A 77 5.46 -18.19 22.01
CA TRP A 77 6.15 -18.35 23.29
C TRP A 77 6.15 -17.01 23.99
N ASP A 78 5.57 -16.98 25.20
CA ASP A 78 5.53 -15.77 26.01
C ASP A 78 5.99 -16.02 27.45
N GLY A 79 6.66 -17.15 27.70
CA GLY A 79 7.23 -17.46 29.00
C GLY A 79 6.81 -18.76 29.66
N ASN A 80 5.55 -19.18 29.49
CA ASN A 80 5.02 -20.37 30.14
C ASN A 80 4.74 -21.51 29.15
N GLY A 81 5.45 -21.55 28.04
CA GLY A 81 5.27 -22.61 27.06
C GLY A 81 4.68 -22.10 25.76
N TRP A 82 4.70 -23.00 24.77
CA TRP A 82 4.28 -22.72 23.40
C TRP A 82 2.78 -22.91 23.28
N THR A 83 2.07 -21.86 22.86
CA THR A 83 0.64 -21.87 22.61
C THR A 83 0.36 -21.51 21.17
N LYS A 84 -0.68 -22.11 20.60
CA LYS A 84 -1.11 -21.76 19.25
C LYS A 84 -1.73 -20.37 19.24
N GLY A 85 -1.34 -19.57 18.25
CA GLY A 85 -1.73 -18.17 18.20
C GLY A 85 -2.89 -17.91 17.27
N ALA A 86 -3.40 -16.68 17.34
CA ALA A 86 -4.62 -16.30 16.63
C ALA A 86 -4.41 -16.02 15.15
N TYR A 87 -3.18 -16.14 14.63
CA TYR A 87 -2.95 -15.87 13.22
C TYR A 87 -3.82 -16.75 12.32
N THR A 88 -4.32 -16.13 11.26
CA THR A 88 -4.88 -16.85 10.12
C THR A 88 -4.48 -16.08 8.86
N ALA A 89 -4.83 -16.62 7.70
CA ALA A 89 -4.57 -15.89 6.46
C ALA A 89 -5.79 -15.14 5.94
N THR A 90 -6.99 -15.49 6.42
CA THR A 90 -8.22 -14.77 6.05
C THR A 90 -9.13 -14.56 7.26
N SER B 2 3.70 -27.68 -3.53
CA SER B 2 4.76 -27.73 -2.52
C SER B 2 4.25 -27.24 -1.15
N SER B 3 4.45 -25.96 -0.87
CA SER B 3 4.09 -25.32 0.38
C SER B 3 4.35 -23.83 0.23
N VAL B 4 3.51 -23.02 0.88
CA VAL B 4 3.71 -21.57 0.84
C VAL B 4 4.89 -21.23 1.73
N GLN B 5 5.39 -20.01 1.57
CA GLN B 5 6.60 -19.59 2.26
C GLN B 5 6.37 -18.19 2.84
N THR B 6 6.82 -18.01 4.08
CA THR B 6 6.49 -16.80 4.82
C THR B 6 7.77 -16.16 5.35
N ALA B 7 7.63 -14.90 5.72
CA ALA B 7 8.65 -14.13 6.39
C ALA B 7 7.93 -13.26 7.39
N ALA B 8 8.63 -12.84 8.44
CA ALA B 8 7.94 -12.05 9.44
C ALA B 8 8.90 -11.07 10.09
N THR B 9 8.33 -9.94 10.53
CA THR B 9 9.07 -8.96 11.33
C THR B 9 8.15 -8.36 12.37
N SER B 10 8.76 -7.84 13.43
CA SER B 10 8.02 -7.23 14.51
C SER B 10 8.69 -5.93 14.92
N TRP B 11 7.93 -5.09 15.60
CA TRP B 11 8.52 -3.91 16.21
C TRP B 11 7.65 -3.43 17.36
N GLY B 12 8.30 -2.75 18.31
CA GLY B 12 7.63 -2.18 19.45
C GLY B 12 7.47 -3.17 20.58
N THR B 13 6.78 -2.69 21.61
CA THR B 13 6.43 -3.50 22.78
C THR B 13 5.02 -4.06 22.71
N VAL B 14 4.17 -3.52 21.84
CA VAL B 14 2.76 -3.89 21.75
C VAL B 14 2.62 -5.38 21.41
N PRO B 15 3.22 -5.90 20.32
CA PRO B 15 4.03 -5.31 19.26
C PRO B 15 3.23 -5.21 18.01
N SER B 16 3.86 -4.75 16.93
CA SER B 16 3.28 -4.84 15.59
C SER B 16 3.99 -5.96 14.83
N ILE B 17 3.21 -6.79 14.15
CA ILE B 17 3.73 -7.92 13.39
C ILE B 17 3.29 -7.78 11.94
N ARG B 18 4.20 -8.07 11.02
CA ARG B 18 3.90 -8.20 9.60
C ARG B 18 4.36 -9.57 9.15
N VAL B 19 3.42 -10.38 8.69
CA VAL B 19 3.70 -11.71 8.15
C VAL B 19 3.39 -11.68 6.66
N TYR B 20 4.43 -11.89 5.86
CA TYR B 20 4.34 -11.89 4.41
C TYR B 20 4.29 -13.34 3.95
N THR B 21 3.56 -13.59 2.86
CA THR B 21 3.34 -14.96 2.43
C THR B 21 3.41 -15.04 0.90
N ALA B 22 4.30 -15.89 0.40
CA ALA B 22 4.37 -16.17 -1.01
C ALA B 22 3.46 -17.33 -1.31
N ASN B 23 2.54 -17.16 -2.27
CA ASN B 23 1.64 -18.23 -2.65
C ASN B 23 1.37 -18.07 -4.14
N ASN B 24 1.58 -19.15 -4.91
CA ASN B 24 1.59 -19.20 -6.36
C ASN B 24 1.91 -17.87 -7.04
N GLY B 25 3.11 -17.34 -6.79
CA GLY B 25 3.55 -16.14 -7.46
C GLY B 25 3.34 -14.85 -6.68
N LYS B 26 2.24 -14.72 -5.95
CA LYS B 26 1.90 -13.47 -5.29
C LYS B 26 2.30 -13.50 -3.82
N ILE B 27 2.74 -12.35 -3.33
CA ILE B 27 3.10 -12.16 -1.92
C ILE B 27 2.09 -11.20 -1.32
N THR B 28 1.41 -11.64 -0.28
CA THR B 28 0.49 -10.81 0.46
C THR B 28 0.99 -10.65 1.88
N GLU B 29 0.34 -9.73 2.60
CA GLU B 29 0.77 -9.30 3.93
C GLU B 29 -0.42 -9.37 4.88
N ARG B 30 -0.14 -9.77 6.12
CA ARG B 30 -1.12 -9.80 7.20
C ARG B 30 -0.53 -9.09 8.40
N CYS B 31 -1.30 -8.20 9.01
CA CYS B 31 -0.76 -7.22 9.94
C CYS B 31 -1.38 -7.38 11.31
N TRP B 32 -0.56 -7.23 12.35
CA TRP B 32 -1.01 -7.22 13.75
C TRP B 32 -0.52 -5.94 14.40
N ASP B 33 -1.46 -5.19 15.01
CA ASP B 33 -1.17 -3.96 15.72
C ASP B 33 -1.85 -3.95 17.08
N GLY B 34 -2.10 -5.13 17.63
CA GLY B 34 -2.58 -5.27 18.97
C GLY B 34 -4.05 -5.60 19.09
N LYS B 35 -4.82 -5.35 18.04
CA LYS B 35 -6.27 -5.56 18.05
C LYS B 35 -6.69 -6.53 16.96
N GLY B 36 -5.85 -7.51 16.68
CA GLY B 36 -6.17 -8.57 15.74
C GLY B 36 -5.49 -8.41 14.39
N TRP B 37 -5.55 -9.51 13.64
CA TRP B 37 -4.93 -9.66 12.33
C TRP B 37 -5.81 -9.10 11.23
N TYR B 38 -5.26 -8.19 10.43
CA TYR B 38 -5.89 -7.71 9.21
C TYR B 38 -4.97 -7.91 8.02
N THR B 39 -5.53 -7.71 6.83
CA THR B 39 -4.78 -7.84 5.60
C THR B 39 -4.20 -6.49 5.21
N GLY B 40 -2.89 -6.47 4.99
CA GLY B 40 -2.21 -5.22 4.74
C GLY B 40 -2.19 -4.84 3.29
N ALA B 41 -1.67 -3.64 3.04
CA ALA B 41 -1.60 -3.10 1.69
C ALA B 41 -0.68 -3.89 0.79
N PHE B 42 0.33 -4.55 1.36
CA PHE B 42 1.39 -5.11 0.54
C PHE B 42 0.83 -6.21 -0.36
N ASN B 43 1.20 -6.12 -1.64
CA ASN B 43 0.77 -7.09 -2.64
C ASN B 43 1.70 -6.92 -3.85
N GLU B 44 2.70 -7.80 -3.95
CA GLU B 44 3.68 -7.79 -5.04
C GLU B 44 4.02 -9.22 -5.42
N PRO B 45 4.38 -9.47 -6.67
CA PRO B 45 4.72 -10.84 -7.08
C PRO B 45 6.08 -11.28 -6.55
N GLY B 46 6.21 -12.60 -6.41
CA GLY B 46 7.37 -13.19 -5.80
C GLY B 46 7.12 -14.65 -5.46
N ASP B 47 8.05 -15.53 -5.81
CA ASP B 47 7.97 -16.91 -5.35
C ASP B 47 8.61 -17.11 -3.99
N ASN B 48 9.43 -16.15 -3.56
CA ASN B 48 10.10 -16.21 -2.27
C ASN B 48 10.22 -14.79 -1.76
N VAL B 49 10.04 -14.64 -0.45
CA VAL B 49 10.09 -13.33 0.18
C VAL B 49 11.00 -13.40 1.40
N SER B 50 11.77 -12.34 1.62
CA SER B 50 12.39 -12.04 2.90
C SER B 50 11.96 -10.65 3.32
N VAL B 51 12.25 -10.30 4.58
CA VAL B 51 11.91 -8.99 5.10
C VAL B 51 12.84 -8.66 6.26
N THR B 52 13.09 -7.36 6.45
CA THR B 52 13.62 -6.80 7.69
C THR B 52 12.93 -5.46 7.89
N SER B 53 13.11 -4.88 9.09
CA SER B 53 12.46 -3.62 9.43
C SER B 53 13.29 -2.95 10.52
N TRP B 54 13.16 -1.62 10.59
CA TRP B 54 13.82 -0.90 11.66
C TRP B 54 12.99 0.34 12.01
N LEU B 55 13.14 0.76 13.26
CA LEU B 55 12.48 1.93 13.78
C LEU B 55 13.40 3.12 13.70
N VAL B 56 12.80 4.28 13.49
CA VAL B 56 13.49 5.57 13.60
C VAL B 56 12.57 6.42 14.47
N GLY B 57 12.76 6.34 15.78
CA GLY B 57 11.80 6.88 16.71
C GLY B 57 10.54 6.04 16.67
N SER B 58 9.41 6.68 16.38
CA SER B 58 8.13 5.98 16.26
C SER B 58 7.87 5.42 14.86
N ALA B 59 8.66 5.81 13.86
CA ALA B 59 8.34 5.49 12.46
C ALA B 59 9.00 4.17 12.05
N ILE B 60 8.20 3.25 11.55
CA ILE B 60 8.70 1.97 11.10
C ILE B 60 9.15 2.10 9.64
N HIS B 61 10.15 1.29 9.28
CA HIS B 61 10.64 1.19 7.92
C HIS B 61 10.84 -0.29 7.62
N ILE B 62 10.24 -0.75 6.53
CA ILE B 62 10.22 -2.16 6.19
C ILE B 62 10.81 -2.31 4.80
N ARG B 63 11.61 -3.36 4.61
CA ARG B 63 12.11 -3.72 3.29
C ARG B 63 11.74 -5.16 3.03
N VAL B 64 11.03 -5.40 1.94
CA VAL B 64 10.59 -6.72 1.53
C VAL B 64 11.35 -7.07 0.26
N TYR B 65 12.02 -8.21 0.27
CA TYR B 65 12.82 -8.66 -0.87
C TYR B 65 12.04 -9.80 -1.54
N ALA B 66 11.38 -9.48 -2.65
CA ALA B 66 10.56 -10.41 -3.40
C ALA B 66 11.36 -10.95 -4.58
N SER B 67 11.56 -12.27 -4.60
CA SER B 67 12.40 -12.90 -5.60
C SER B 67 11.55 -13.78 -6.52
N THR B 68 11.91 -13.79 -7.81
CA THR B 68 11.25 -14.61 -8.81
C THR B 68 12.30 -15.00 -9.84
N GLY B 69 12.66 -16.27 -9.88
CA GLY B 69 13.83 -16.65 -10.66
C GLY B 69 15.09 -16.12 -9.99
N THR B 70 15.98 -15.52 -10.79
CA THR B 70 17.21 -14.90 -10.31
C THR B 70 17.06 -13.43 -9.96
N THR B 71 15.83 -12.92 -9.95
CA THR B 71 15.56 -11.49 -9.91
C THR B 71 14.85 -11.15 -8.60
N THR B 72 15.50 -10.33 -7.79
CA THR B 72 15.03 -9.97 -6.48
C THR B 72 14.67 -8.50 -6.48
N THR B 73 13.47 -8.18 -5.99
CA THR B 73 12.98 -6.80 -5.96
C THR B 73 12.75 -6.37 -4.51
N GLU B 74 13.29 -5.18 -4.17
CA GLU B 74 13.14 -4.61 -2.84
C GLU B 74 11.96 -3.65 -2.81
N TRP B 75 11.03 -3.87 -1.90
CA TRP B 75 9.92 -2.96 -1.68
C TRP B 75 10.11 -2.25 -0.34
N CYS B 76 9.84 -0.94 -0.32
CA CYS B 76 10.20 -0.09 0.81
C CYS B 76 8.95 0.54 1.39
N TRP B 77 8.69 0.27 2.68
CA TRP B 77 7.69 0.99 3.44
C TRP B 77 8.39 2.02 4.31
N ASP B 78 8.03 3.29 4.10
CA ASP B 78 8.60 4.39 4.86
C ASP B 78 7.49 5.33 5.34
N GLY B 79 6.30 4.76 5.55
CA GLY B 79 5.12 5.49 5.97
C GLY B 79 4.36 6.21 4.87
N ASN B 80 4.59 5.87 3.60
CA ASN B 80 3.95 6.57 2.49
C ASN B 80 3.62 5.62 1.35
N GLY B 81 3.62 4.34 1.60
CA GLY B 81 3.25 3.36 0.61
C GLY B 81 4.32 2.33 0.48
N TRP B 82 4.22 1.54 -0.59
CA TRP B 82 5.26 0.61 -0.97
C TRP B 82 5.89 1.10 -2.26
N THR B 83 7.11 1.62 -2.14
CA THR B 83 7.94 2.04 -3.28
C THR B 83 9.00 0.98 -3.59
N LYS B 84 9.35 0.88 -4.86
CA LYS B 84 10.44 0.00 -5.30
C LYS B 84 11.79 0.52 -4.79
N GLY B 85 12.61 -0.41 -4.28
CA GLY B 85 13.90 -0.07 -3.72
C GLY B 85 15.04 -0.06 -4.75
N ALA B 86 16.16 0.54 -4.34
CA ALA B 86 17.39 0.59 -5.12
C ALA B 86 18.15 -0.73 -5.15
N TYR B 87 17.76 -1.76 -4.41
CA TYR B 87 18.55 -2.98 -4.36
C TYR B 87 18.70 -3.60 -5.74
N THR B 88 19.93 -4.04 -6.04
CA THR B 88 20.23 -4.86 -7.19
C THR B 88 21.11 -6.00 -6.71
N ALA B 89 21.33 -6.99 -7.56
CA ALA B 89 22.06 -8.19 -7.20
C ALA B 89 23.54 -8.12 -7.62
N THR B 90 24.33 -9.03 -7.07
CA THR B 90 25.81 -9.04 -7.25
C THR B 90 26.27 -9.14 -8.70
N DLY C 1 -2.42 1.35 7.88
CA DLY C 1 -3.82 1.64 8.16
C DLY C 1 -4.44 0.50 8.93
O DLY C 1 -3.87 -0.02 9.89
CB DLY C 1 -3.99 2.94 8.95
CG DLY C 1 -5.43 3.36 9.17
CD DLY C 1 -5.54 4.82 9.58
CE DLY C 1 -6.48 5.00 10.74
NZ DLY C 1 -7.80 4.30 10.50
N DTY C 2 -5.64 0.11 8.47
CA DTY C 2 -6.44 -0.93 9.09
C DTY C 2 -6.67 -0.64 10.57
O DTY C 2 -7.14 0.43 10.95
CB DTY C 2 -7.77 -1.01 8.35
CG DTY C 2 -8.66 -2.12 8.82
CD1 DTY C 2 -9.51 -1.95 9.91
CD2 DTY C 2 -8.65 -3.35 8.17
CE1 DTY C 2 -10.32 -2.95 10.36
CE2 DTY C 2 -9.48 -4.37 8.60
CZ DTY C 2 -10.31 -4.16 9.70
OH DTY C 2 -11.12 -5.17 10.15
N DLY C 3 -6.32 -1.62 11.40
CA DLY C 3 -6.41 -1.50 12.84
C DLY C 3 -6.74 -2.86 13.41
O DLY C 3 -5.86 -3.63 13.80
CB DLY C 3 -5.11 -0.97 13.42
CG DLY C 3 -5.17 -0.66 14.90
CD DLY C 3 -4.08 0.34 15.24
CE DLY C 3 -4.18 0.88 16.66
NZ DLY C 3 -3.43 2.19 16.78
N DLY C 4 -8.04 -3.14 13.43
CA DLY C 4 -8.59 -4.40 13.90
C DLY C 4 -9.93 -4.14 14.60
O DLY C 4 -10.92 -3.77 13.96
CB DLY C 4 -8.82 -5.33 12.72
CG DLY C 4 -9.28 -6.73 13.08
CD DLY C 4 -9.46 -7.54 11.81
CE DLY C 4 -9.75 -9.00 12.10
NZ DLY C 4 -9.58 -9.82 10.86
N DAL C 5 -9.95 -4.33 15.91
CA DAL C 5 -11.19 -4.32 16.70
CB DAL C 5 -10.89 -4.08 18.17
C DAL C 5 -11.96 -5.62 16.52
O DAL C 5 -12.65 -5.81 15.51
N DLY D 1 16.30 6.49 1.21
CA DLY D 1 16.27 7.94 1.06
C DLY D 1 17.66 8.46 1.42
O DLY D 1 18.24 8.06 2.42
CB DLY D 1 15.93 8.30 -0.39
CG DLY D 1 15.04 7.27 -1.10
CD DLY D 1 15.55 6.98 -2.51
CE DLY D 1 14.91 5.67 -3.05
NZ DLY D 1 15.34 5.31 -4.44
N DTY D 2 18.16 9.36 0.58
CA DTY D 2 19.59 9.67 0.47
C DTY D 2 20.29 10.42 1.62
O DTY D 2 21.45 10.80 1.49
CB DTY D 2 20.38 8.43 0.04
CG DTY D 2 19.85 7.85 -1.25
CD1 DTY D 2 19.39 6.55 -1.32
CD2 DTY D 2 19.77 8.64 -2.40
CE1 DTY D 2 18.88 6.03 -2.51
CE2 DTY D 2 19.26 8.13 -3.59
CZ DTY D 2 18.82 6.83 -3.64
OH DTY D 2 18.32 6.32 -4.81
N DLY D 3 19.59 10.63 2.72
CA DLY D 3 20.11 11.48 3.79
C DLY D 3 20.26 12.92 3.28
O DLY D 3 21.17 13.65 3.69
CB DLY D 3 19.19 11.44 5.02
CG DLY D 3 19.82 11.91 6.33
N DLY D 4 19.37 13.31 2.37
CA DLY D 4 19.34 14.66 1.80
C DLY D 4 20.41 14.83 0.72
O DLY D 4 21.21 15.77 0.78
CB DLY D 4 17.94 14.97 1.24
CG DLY D 4 17.74 16.39 0.73
N DAL D 5 20.41 13.91 -0.24
CA DAL D 5 21.39 13.90 -1.32
CB DAL D 5 21.20 12.66 -2.19
C DAL D 5 22.84 13.97 -0.79
O DAL D 5 23.68 14.70 -1.33
N DLE D 6 23.11 13.22 0.28
CA DLE D 6 24.40 13.21 0.95
CB DLE D 6 24.45 12.10 2.00
CG DLE D 6 24.59 10.67 1.47
CD1 DLE D 6 25.87 10.52 0.69
CD2 DLE D 6 24.50 9.68 2.61
C DLE D 6 24.73 14.56 1.61
O DLE D 6 25.86 15.05 1.52
N DLY D 7 23.73 15.15 2.28
CA DLY D 7 23.90 16.44 2.91
C DLY D 7 24.21 17.51 1.86
O DLY D 7 25.07 18.37 2.06
CB DLY D 7 22.66 16.82 3.71
CG DLY D 7 22.65 16.24 5.11
N DLY D 8 23.50 17.43 0.73
CA DLY D 8 23.84 18.25 -0.43
C DLY D 8 25.26 17.96 -0.92
O DLY D 8 26.00 18.90 -1.20
CB DLY D 8 22.85 18.03 -1.57
CG DLY D 8 21.48 18.59 -1.28
CD DLY D 8 20.55 18.26 -2.40
CE DLY D 8 19.15 18.67 -2.06
NZ DLY D 8 18.20 17.95 -2.94
N DLE D 9 25.62 16.69 -1.00
CA DLE D 9 26.99 16.30 -1.38
CB DLE D 9 27.13 14.79 -1.58
CG DLE D 9 28.45 14.19 -2.09
CD1 DLE D 9 29.19 15.11 -3.08
CD2 DLE D 9 29.36 13.73 -0.97
C DLE D 9 28.00 16.81 -0.34
O DLE D 9 29.09 17.27 -0.69
N DAL D 10 27.61 16.71 0.94
CA DAL D 10 28.42 17.28 2.03
CB DAL D 10 27.75 16.99 3.36
C DAL D 10 28.60 18.79 1.84
O DAL D 10 29.73 19.30 1.83
N DLY D 11 27.46 19.47 1.70
CA DLY D 11 27.40 20.92 1.48
C DLY D 11 28.33 21.43 0.37
O DLY D 11 28.91 22.52 0.50
CB DLY D 11 25.96 21.32 1.17
CG DLY D 11 25.07 21.47 2.40
N DLE D 12 28.47 20.66 -0.70
CA DLE D 12 29.28 21.05 -1.85
CB DLE D 12 29.16 20.00 -2.96
CG DLE D 12 27.83 19.90 -3.70
CD1 DLE D 12 27.51 21.19 -4.45
CD2 DLE D 12 27.81 18.69 -4.63
C DLE D 12 30.74 21.19 -1.42
O DLE D 12 31.44 22.11 -1.85
N NH2 D 13 31.17 20.27 -0.56
N SER E 2 11.29 -22.60 -8.25
CA SER E 2 12.69 -22.64 -8.64
C SER E 2 13.28 -21.25 -8.72
N SER E 3 13.02 -20.45 -7.69
CA SER E 3 13.59 -19.13 -7.56
C SER E 3 14.72 -19.15 -6.55
N VAL E 4 15.51 -18.08 -6.55
CA VAL E 4 16.52 -17.90 -5.50
C VAL E 4 15.79 -17.66 -4.18
N GLN E 5 16.54 -17.67 -3.09
CA GLN E 5 15.97 -17.59 -1.75
C GLN E 5 16.81 -16.61 -0.95
N THR E 6 16.17 -15.58 -0.40
CA THR E 6 16.89 -14.51 0.26
C THR E 6 16.66 -14.51 1.76
N ALA E 7 17.50 -13.77 2.45
CA ALA E 7 17.37 -13.52 3.88
C ALA E 7 17.98 -12.16 4.14
N ALA E 8 17.41 -11.41 5.09
CA ALA E 8 17.85 -10.05 5.33
C ALA E 8 17.93 -9.76 6.81
N THR E 9 18.76 -8.78 7.15
CA THR E 9 18.91 -8.29 8.51
C THR E 9 19.35 -6.84 8.41
N SER E 10 19.32 -6.13 9.54
CA SER E 10 19.57 -4.70 9.52
C SER E 10 19.75 -4.18 10.94
N TRP E 11 20.39 -3.02 11.04
CA TRP E 11 20.73 -2.45 12.33
C TRP E 11 20.98 -0.95 12.22
N GLY E 12 20.79 -0.27 13.35
CA GLY E 12 20.89 1.17 13.46
C GLY E 12 19.71 1.88 12.79
N THR E 13 19.89 3.19 12.65
CA THR E 13 18.89 4.08 12.06
C THR E 13 19.24 4.56 10.65
N VAL E 14 20.44 4.27 10.15
CA VAL E 14 20.81 4.70 8.81
C VAL E 14 19.91 4.11 7.74
N PRO E 15 19.70 2.78 7.68
CA PRO E 15 20.34 1.68 8.42
C PRO E 15 21.42 0.99 7.60
N SER E 16 22.06 -0.01 8.21
CA SER E 16 22.82 -1.00 7.47
C SER E 16 21.91 -2.19 7.18
N ILE E 17 21.96 -2.68 5.95
CA ILE E 17 21.21 -3.87 5.56
C ILE E 17 22.20 -4.89 4.99
N ARG E 18 21.97 -6.16 5.31
CA ARG E 18 22.63 -7.28 4.67
C ARG E 18 21.56 -8.19 4.05
N VAL E 19 21.70 -8.48 2.76
CA VAL E 19 20.76 -9.30 2.00
C VAL E 19 21.53 -10.50 1.45
N TYR E 20 21.27 -11.68 2.02
CA TYR E 20 21.92 -12.92 1.60
C TYR E 20 21.00 -13.66 0.62
N THR E 21 21.61 -14.23 -0.40
CA THR E 21 20.88 -14.76 -1.55
C THR E 21 21.50 -16.09 -1.95
N ALA E 22 20.80 -17.19 -1.68
CA ALA E 22 21.23 -18.50 -2.13
C ALA E 22 20.76 -18.73 -3.56
N ASN E 23 21.71 -18.87 -4.49
CA ASN E 23 21.40 -19.16 -5.88
C ASN E 23 22.30 -20.28 -6.37
N ASN E 24 21.69 -21.39 -6.78
CA ASN E 24 22.44 -22.52 -7.36
C ASN E 24 23.53 -23.01 -6.41
N GLY E 25 23.17 -23.17 -5.14
CA GLY E 25 24.08 -23.71 -4.15
C GLY E 25 25.17 -22.79 -3.68
N LYS E 26 25.11 -21.50 -4.00
CA LYS E 26 26.01 -20.51 -3.43
C LYS E 26 25.19 -19.38 -2.81
N ILE E 27 25.67 -18.87 -1.68
CA ILE E 27 25.04 -17.76 -0.98
C ILE E 27 25.96 -16.56 -1.09
N THR E 28 25.45 -15.46 -1.65
CA THR E 28 26.18 -14.22 -1.76
C THR E 28 25.49 -13.12 -0.95
N GLU E 29 26.22 -12.04 -0.74
CA GLU E 29 25.82 -10.97 0.18
C GLU E 29 25.82 -9.66 -0.57
N ARG E 30 24.77 -8.87 -0.34
CA ARG E 30 24.71 -7.50 -0.81
C ARG E 30 24.48 -6.60 0.40
N CYS E 31 25.15 -5.46 0.40
CA CYS E 31 25.36 -4.71 1.61
C CYS E 31 24.95 -3.26 1.37
N TRP E 32 24.18 -2.70 2.30
CA TRP E 32 23.81 -1.30 2.27
C TRP E 32 24.27 -0.66 3.57
N ASP E 33 25.03 0.44 3.47
CA ASP E 33 25.36 1.25 4.64
C ASP E 33 25.09 2.73 4.37
N GLY E 34 24.06 3.00 3.57
CA GLY E 34 23.56 4.35 3.35
C GLY E 34 24.06 5.05 2.11
N LYS E 35 24.86 4.39 1.26
CA LYS E 35 25.49 5.08 0.14
C LYS E 35 25.51 4.22 -1.13
N GLY E 36 24.66 3.20 -1.19
CA GLY E 36 24.58 2.32 -2.34
C GLY E 36 24.81 0.89 -1.92
N TRP E 37 24.37 -0.04 -2.75
CA TRP E 37 24.54 -1.46 -2.50
C TRP E 37 25.88 -1.90 -3.07
N TYR E 38 26.65 -2.60 -2.25
CA TYR E 38 27.95 -3.10 -2.63
C TYR E 38 28.00 -4.60 -2.33
N THR E 39 28.70 -5.34 -3.19
CA THR E 39 28.86 -6.78 -2.95
C THR E 39 29.77 -7.00 -1.75
N GLY E 40 29.35 -7.89 -0.86
CA GLY E 40 30.04 -8.06 0.41
C GLY E 40 30.96 -9.26 0.38
N ALA E 41 31.71 -9.40 1.49
CA ALA E 41 32.73 -10.44 1.67
C ALA E 41 32.15 -11.85 1.75
N PHE E 42 30.89 -12.02 2.13
CA PHE E 42 30.39 -13.35 2.43
C PHE E 42 30.17 -14.15 1.16
N ASN E 43 30.78 -15.33 1.10
CA ASN E 43 30.60 -16.25 -0.02
C ASN E 43 30.87 -17.65 0.50
N GLU E 44 29.84 -18.49 0.48
CA GLU E 44 29.80 -19.79 1.13
C GLU E 44 28.69 -20.61 0.47
N PRO E 45 28.82 -21.93 0.41
CA PRO E 45 27.79 -22.74 -0.24
C PRO E 45 26.56 -22.95 0.65
N GLY E 46 25.46 -23.29 -0.02
CA GLY E 46 24.19 -23.48 0.65
C GLY E 46 23.03 -23.17 -0.27
N ASP E 47 22.05 -24.06 -0.31
CA ASP E 47 20.83 -23.82 -1.06
C ASP E 47 19.77 -23.08 -0.26
N ASN E 48 19.99 -22.90 1.04
CA ASN E 48 19.06 -22.21 1.92
C ASN E 48 19.82 -21.44 2.98
N VAL E 49 19.31 -20.26 3.32
CA VAL E 49 20.00 -19.33 4.20
C VAL E 49 18.99 -18.57 5.08
N SER E 50 19.25 -18.51 6.38
CA SER E 50 18.61 -17.61 7.33
C SER E 50 19.68 -16.73 7.96
N VAL E 51 19.25 -15.63 8.58
CA VAL E 51 20.20 -14.71 9.19
C VAL E 51 19.57 -14.05 10.41
N THR E 52 20.43 -13.69 11.37
CA THR E 52 20.10 -12.84 12.49
C THR E 52 21.35 -12.03 12.82
N SER E 53 21.15 -10.96 13.60
CA SER E 53 22.22 -10.05 13.93
C SER E 53 21.85 -9.31 15.21
N TRP E 54 22.86 -8.86 15.93
CA TRP E 54 22.66 -8.05 17.11
C TRP E 54 23.83 -7.10 17.22
N LEU E 55 23.59 -6.00 17.93
CA LEU E 55 24.60 -5.01 18.20
C LEU E 55 25.12 -5.21 19.61
N VAL E 56 26.36 -4.79 19.80
CA VAL E 56 26.97 -4.67 21.11
C VAL E 56 27.65 -3.31 21.02
N GLY E 57 27.04 -2.30 21.58
CA GLY E 57 27.50 -0.95 21.32
C GLY E 57 27.28 -0.66 19.84
N SER E 58 28.36 -0.35 19.15
CA SER E 58 28.34 -0.03 17.73
C SER E 58 28.74 -1.21 16.85
N ALA E 59 29.08 -2.36 17.44
CA ALA E 59 29.68 -3.48 16.72
C ALA E 59 28.60 -4.49 16.35
N ILE E 60 28.43 -4.70 15.06
CA ILE E 60 27.44 -5.64 14.57
C ILE E 60 28.02 -7.04 14.66
N HIS E 61 27.14 -8.01 14.87
CA HIS E 61 27.49 -9.42 14.93
C HIS E 61 26.46 -10.17 14.12
N ILE E 62 26.90 -10.91 13.11
CA ILE E 62 25.98 -11.57 12.21
C ILE E 62 26.19 -13.06 12.29
N ARG E 63 25.10 -13.80 12.19
CA ARG E 63 25.10 -15.26 12.13
C ARG E 63 24.28 -15.65 10.93
N VAL E 64 24.91 -16.35 10.01
CA VAL E 64 24.27 -16.78 8.78
C VAL E 64 24.23 -18.30 8.79
N TYR E 65 23.02 -18.85 8.70
CA TYR E 65 22.83 -20.30 8.75
C TYR E 65 22.58 -20.79 7.32
N ALA E 66 23.56 -21.54 6.80
CA ALA E 66 23.56 -21.98 5.42
C ALA E 66 23.35 -23.49 5.42
N SER E 67 22.25 -23.93 4.81
CA SER E 67 21.89 -25.34 4.77
C SER E 67 22.06 -25.89 3.36
N THR E 68 22.77 -27.00 3.25
CA THR E 68 22.72 -27.87 2.08
C THR E 68 22.29 -29.24 2.58
N GLY E 69 21.28 -29.83 1.93
CA GLY E 69 20.75 -31.11 2.37
C GLY E 69 20.21 -31.02 3.79
N THR E 70 20.77 -31.84 4.69
CA THR E 70 20.41 -31.80 6.10
C THR E 70 21.48 -31.13 6.95
N THR E 71 22.38 -30.36 6.34
CA THR E 71 23.59 -29.89 6.99
C THR E 71 23.57 -28.37 7.01
N THR E 72 23.36 -27.79 8.18
CA THR E 72 23.28 -26.34 8.37
C THR E 72 24.59 -25.86 8.99
N THR E 73 25.23 -24.90 8.33
CA THR E 73 26.51 -24.36 8.75
C THR E 73 26.32 -22.91 9.19
N GLU E 74 26.88 -22.57 10.35
CA GLU E 74 26.75 -21.23 10.93
C GLU E 74 28.01 -20.45 10.62
N TRP E 75 27.85 -19.31 9.95
CA TRP E 75 28.96 -18.43 9.61
C TRP E 75 28.87 -17.18 10.44
N CYS E 76 29.97 -16.81 11.09
CA CYS E 76 29.94 -15.86 12.19
C CYS E 76 30.75 -14.64 11.81
N TRP E 77 30.10 -13.48 11.74
CA TRP E 77 30.80 -12.22 11.58
C TRP E 77 30.82 -11.51 12.92
N ASP E 78 32.03 -11.17 13.39
CA ASP E 78 32.18 -10.39 14.63
C ASP E 78 33.17 -9.26 14.44
N GLY E 79 33.23 -8.74 13.21
CA GLY E 79 34.16 -7.68 12.86
C GLY E 79 35.54 -8.12 12.41
N ASN E 80 35.82 -9.44 12.37
CA ASN E 80 37.15 -9.92 11.99
C ASN E 80 37.12 -10.90 10.81
N GLY E 81 36.03 -10.92 10.06
CA GLY E 81 35.85 -11.86 8.98
C GLY E 81 34.70 -12.80 9.26
N TRP E 82 34.54 -13.76 8.36
CA TRP E 82 33.49 -14.77 8.45
C TRP E 82 34.14 -16.08 8.89
N THR E 83 33.85 -16.50 10.11
CA THR E 83 34.34 -17.72 10.70
C THR E 83 33.19 -18.67 10.93
N LYS E 84 33.52 -19.96 11.08
CA LYS E 84 32.49 -20.97 11.24
C LYS E 84 32.13 -21.12 12.72
N GLY E 85 30.83 -21.26 12.97
CA GLY E 85 30.32 -21.26 14.33
C GLY E 85 30.27 -22.63 14.96
N ALA E 86 29.85 -22.63 16.22
CA ALA E 86 29.67 -23.86 16.97
C ALA E 86 28.40 -24.61 16.60
N TYR E 87 27.53 -24.01 15.76
CA TYR E 87 26.18 -24.54 15.55
C TYR E 87 26.23 -25.94 14.95
N THR E 88 25.47 -26.83 15.57
CA THR E 88 25.22 -28.18 15.10
C THR E 88 23.77 -28.50 15.46
N ALA E 89 23.34 -29.75 15.29
CA ALA E 89 21.97 -30.07 15.66
C ALA E 89 21.84 -31.39 16.43
N THR E 90 22.95 -31.97 16.90
CA THR E 90 22.88 -33.20 17.69
C THR E 90 23.26 -32.94 19.16
N DLY F 1 33.65 -3.78 5.04
CA DLY F 1 34.35 -2.78 4.22
C DLY F 1 33.43 -2.10 3.21
O DLY F 1 32.33 -1.64 3.54
CB DLY F 1 35.03 -1.74 5.10
CG DLY F 1 35.83 -0.68 4.35
CD DLY F 1 36.80 0.00 5.32
CE DLY F 1 37.70 1.02 4.63
NZ DLY F 1 36.88 1.96 3.82
N DTY F 2 33.90 -2.05 1.96
CA DTY F 2 33.20 -1.43 0.86
C DTY F 2 32.86 0.01 1.20
O DTY F 2 33.74 0.84 1.41
CB DTY F 2 34.07 -1.48 -0.40
CG DTY F 2 33.42 -1.00 -1.68
CD1 DTY F 2 32.77 -1.91 -2.52
CD2 DTY F 2 33.49 0.32 -2.08
CE1 DTY F 2 32.19 -1.49 -3.70
CE2 DTY F 2 32.93 0.74 -3.27
CZ DTY F 2 32.28 -0.17 -4.08
OH DTY F 2 31.70 0.25 -5.26
N DLY F 3 31.55 0.29 1.27
CA DLY F 3 31.08 1.64 1.55
C DLY F 3 30.01 2.01 0.54
O DLY F 3 28.85 1.67 0.69
CB DLY F 3 30.58 1.76 3.00
CG DLY F 3 30.34 3.19 3.44
CD DLY F 3 30.18 3.29 4.96
CE DLY F 3 29.45 4.59 5.33
NZ DLY F 3 29.66 5.03 6.75
N DLY F 4 30.42 2.74 -0.49
CA DLY F 4 29.56 3.09 -1.60
C DLY F 4 30.12 4.24 -2.44
O DLY F 4 31.25 4.18 -2.93
CB DLY F 4 29.32 1.86 -2.46
CG DLY F 4 28.49 2.10 -3.68
CD DLY F 4 28.40 0.82 -4.45
CE DLY F 4 27.73 1.03 -5.78
NZ DLY F 4 28.11 -0.05 -6.71
N DAL F 5 29.30 5.28 -2.60
CA DAL F 5 29.60 6.44 -3.45
CB DAL F 5 28.57 7.54 -3.17
C DAL F 5 29.65 6.11 -4.95
O DAL F 5 28.64 5.71 -5.53
N DLE F 6 30.82 6.32 -5.57
CA DLE F 6 31.09 5.95 -6.99
CB DLE F 6 30.08 6.62 -7.96
CG DLE F 6 30.27 6.38 -9.49
CD1 DLE F 6 29.42 5.21 -10.02
CD2 DLE F 6 29.98 7.67 -10.30
C DLE F 6 31.14 4.43 -7.19
O DLE F 6 31.78 3.96 -8.14
N DLY G 1 33.22 -19.08 19.35
CA DLY G 1 34.57 -19.80 19.35
C DLY G 1 35.63 -19.94 20.45
O DLY G 1 36.84 -19.97 20.15
CB DLY G 1 33.93 -21.18 19.05
CG DLY G 1 34.57 -21.89 17.85
CD DLY G 1 33.74 -23.08 17.40
CE DLY G 1 34.11 -23.51 15.98
NZ DLY G 1 35.59 -23.70 15.79
N DTY G 2 35.19 -20.05 21.70
CA DTY G 2 36.11 -20.25 22.83
C DTY G 2 35.85 -19.32 24.02
O DTY G 2 35.73 -19.79 25.16
CB DTY G 2 36.09 -21.71 23.33
CG DTY G 2 36.16 -22.80 22.27
CD1 DTY G 2 35.09 -23.66 22.05
CD2 DTY G 2 37.32 -22.99 21.51
CE1 DTY G 2 35.16 -24.68 21.09
CE2 DTY G 2 37.39 -24.00 20.55
CZ DTY G 2 36.31 -24.84 20.34
OH DTY G 2 36.38 -25.83 19.40
N DLY G 3 35.76 -18.01 23.78
CA DLY G 3 35.61 -17.03 24.88
C DLY G 3 36.83 -17.05 25.80
O DLY G 3 36.74 -16.69 26.98
CB DLY G 3 35.38 -15.61 24.32
N DLY G 4 37.96 -17.50 25.25
CA DLY G 4 39.24 -17.55 25.96
C DLY G 4 39.24 -18.51 27.16
O DLY G 4 39.55 -18.12 28.28
CB DLY G 4 40.39 -17.88 24.98
CG DLY G 4 40.01 -18.76 23.79
CD DLY G 4 40.34 -20.23 24.03
CE DLY G 4 40.04 -21.03 22.79
NZ DLY G 4 40.53 -20.30 21.59
N DAL G 5 38.88 -19.78 26.90
CA DAL G 5 38.73 -20.76 27.97
CB DAL G 5 38.98 -22.17 27.42
C DAL G 5 37.36 -20.68 28.67
O DAL G 5 37.14 -21.34 29.70
N DLE G 6 36.45 -19.87 28.13
CA DLE G 6 35.17 -19.61 28.79
CB DLE G 6 34.12 -19.13 27.78
C DLE G 6 35.37 -18.56 29.89
O DLE G 6 34.75 -18.64 30.96
N DLY G 7 36.23 -17.58 29.61
CA DLY G 7 36.53 -16.54 30.59
C DLY G 7 37.21 -17.15 31.82
O DLY G 7 36.93 -16.78 32.97
CB DLY G 7 37.41 -15.45 29.97
N DLY G 8 38.12 -18.11 31.55
CA DLY G 8 38.88 -18.82 32.58
C DLY G 8 37.99 -19.64 33.51
O DLY G 8 38.22 -19.68 34.72
CB DLY G 8 39.95 -19.72 31.93
CG DLY G 8 41.03 -18.97 31.16
N DLE G 9 36.99 -20.31 32.94
CA DLE G 9 36.07 -21.13 33.73
CB DLE G 9 35.16 -21.97 32.83
C DLE G 9 35.26 -20.26 34.67
O DLE G 9 35.03 -20.63 35.83
N DAL G 10 34.84 -19.10 34.18
CA DAL G 10 34.04 -18.14 34.95
CB DAL G 10 33.66 -16.94 34.10
C DAL G 10 34.74 -17.67 36.24
O DAL G 10 34.13 -17.64 37.31
N DLY G 11 36.02 -17.32 36.12
CA DLY G 11 36.86 -16.90 37.26
C DLY G 11 36.95 -17.98 38.35
O DLY G 11 37.16 -17.67 39.52
CB DLY G 11 38.27 -16.52 36.79
CG DLY G 11 39.32 -17.63 36.95
N DLE G 12 36.79 -19.24 37.94
CA DLE G 12 36.86 -20.34 38.89
CB DLE G 12 36.97 -21.69 38.17
CG DLE G 12 38.36 -22.09 37.69
CD1 DLE G 12 39.35 -21.91 38.82
CD2 DLE G 12 38.37 -23.51 37.20
C DLE G 12 35.65 -20.31 39.85
O DLE G 12 35.77 -20.75 41.00
N NH2 G 13 34.53 -19.79 39.37
N SER H 2 -22.73 -6.41 -0.56
CA SER H 2 -24.10 -5.95 -0.72
C SER H 2 -24.32 -4.64 0.05
N SER H 3 -23.89 -3.53 -0.57
CA SER H 3 -23.73 -2.28 0.14
C SER H 3 -24.32 -1.14 -0.67
N VAL H 4 -24.62 -0.05 0.05
CA VAL H 4 -24.96 1.18 -0.64
C VAL H 4 -23.83 1.56 -1.60
N GLN H 5 -24.16 2.43 -2.54
CA GLN H 5 -23.24 2.90 -3.55
C GLN H 5 -23.22 4.42 -3.48
N THR H 6 -22.03 5.00 -3.47
CA THR H 6 -21.94 6.44 -3.25
C THR H 6 -21.16 7.11 -4.36
N ALA H 7 -21.29 8.44 -4.41
CA ALA H 7 -20.57 9.28 -5.35
C ALA H 7 -20.35 10.64 -4.68
N ALA H 8 -19.33 11.36 -5.13
CA ALA H 8 -18.91 12.54 -4.39
C ALA H 8 -18.31 13.59 -5.31
N THR H 9 -18.52 14.85 -4.99
CA THR H 9 -17.84 15.93 -5.68
C THR H 9 -17.45 17.00 -4.67
N SER H 10 -16.68 17.98 -5.14
CA SER H 10 -16.14 19.01 -4.25
C SER H 10 -15.69 20.20 -5.08
N TRP H 11 -15.57 21.35 -4.42
CA TRP H 11 -15.34 22.56 -5.18
C TRP H 11 -14.87 23.67 -4.26
N GLY H 12 -14.10 24.59 -4.84
CA GLY H 12 -13.48 25.66 -4.08
C GLY H 12 -12.52 25.16 -3.02
N THR H 13 -12.27 26.05 -2.07
CA THR H 13 -11.25 25.84 -1.06
C THR H 13 -11.78 25.73 0.38
N VAL H 14 -13.07 25.95 0.59
CA VAL H 14 -13.66 25.74 1.91
C VAL H 14 -13.41 24.33 2.42
N PRO H 15 -13.70 23.26 1.67
CA PRO H 15 -14.42 23.23 0.40
C PRO H 15 -15.89 22.92 0.65
N SER H 16 -16.70 22.94 -0.40
CA SER H 16 -18.01 22.32 -0.36
C SER H 16 -17.86 20.89 -0.88
N ILE H 17 -18.49 19.95 -0.18
CA ILE H 17 -18.56 18.56 -0.64
C ILE H 17 -20.03 18.17 -0.82
N ARG H 18 -20.29 17.28 -1.78
CA ARG H 18 -21.58 16.61 -1.95
C ARG H 18 -21.38 15.11 -2.03
N VAL H 19 -22.09 14.35 -1.19
CA VAL H 19 -22.02 12.89 -1.22
C VAL H 19 -23.41 12.32 -1.51
N TYR H 20 -23.53 11.64 -2.64
CA TYR H 20 -24.77 11.01 -3.06
C TYR H 20 -24.66 9.52 -2.75
N THR H 21 -25.64 8.99 -2.01
CA THR H 21 -25.66 7.58 -1.60
C THR H 21 -26.85 6.90 -2.27
N ALA H 22 -26.59 5.80 -2.99
CA ALA H 22 -27.68 4.98 -3.52
C ALA H 22 -27.97 3.87 -2.52
N ASN H 23 -29.19 3.87 -1.98
CA ASN H 23 -29.61 2.95 -0.94
C ASN H 23 -31.04 2.51 -1.25
N ASN H 24 -31.20 1.26 -1.67
CA ASN H 24 -32.52 0.66 -1.87
C ASN H 24 -33.38 1.48 -2.82
N GLY H 25 -32.83 1.79 -3.99
CA GLY H 25 -33.57 2.40 -5.06
C GLY H 25 -33.76 3.90 -4.95
N LYS H 26 -33.22 4.53 -3.92
CA LYS H 26 -33.27 5.97 -3.78
C LYS H 26 -31.85 6.54 -3.63
N ILE H 27 -31.64 7.70 -4.25
CA ILE H 27 -30.41 8.47 -4.12
C ILE H 27 -30.68 9.72 -3.31
N THR H 28 -29.86 9.95 -2.30
CA THR H 28 -29.98 11.12 -1.42
C THR H 28 -28.61 11.76 -1.28
N GLU H 29 -28.56 12.86 -0.54
CA GLU H 29 -27.45 13.79 -0.65
C GLU H 29 -27.08 14.31 0.72
N ARG H 30 -25.78 14.27 1.04
CA ARG H 30 -25.25 14.83 2.27
C ARG H 30 -24.30 15.97 1.90
N CYS H 31 -24.46 17.11 2.55
CA CYS H 31 -23.79 18.32 2.10
C CYS H 31 -22.85 18.85 3.18
N TRP H 32 -21.69 19.33 2.74
CA TRP H 32 -20.73 20.00 3.61
C TRP H 32 -20.35 21.34 3.00
N ASP H 33 -20.58 22.40 3.74
CA ASP H 33 -20.21 23.75 3.31
C ASP H 33 -19.41 24.46 4.39
N GLY H 34 -18.64 23.67 5.18
CA GLY H 34 -17.70 24.21 6.13
C GLY H 34 -18.15 24.16 7.57
N LYS H 35 -19.47 24.13 7.83
CA LYS H 35 -20.02 24.21 9.18
C LYS H 35 -20.84 22.96 9.53
N GLY H 36 -20.44 21.80 9.01
CA GLY H 36 -21.08 20.56 9.38
C GLY H 36 -21.89 19.95 8.24
N TRP H 37 -22.13 18.65 8.35
CA TRP H 37 -22.84 17.88 7.34
C TRP H 37 -24.35 17.96 7.54
N TYR H 38 -25.06 18.25 6.46
CA TYR H 38 -26.51 18.35 6.50
C TYR H 38 -27.10 17.64 5.30
N THR H 39 -28.32 17.15 5.46
CA THR H 39 -29.02 16.53 4.36
C THR H 39 -29.47 17.60 3.35
N GLY H 40 -29.28 17.31 2.07
CA GLY H 40 -29.60 18.23 1.01
C GLY H 40 -30.89 17.87 0.30
N ALA H 41 -31.26 18.76 -0.64
CA ALA H 41 -32.53 18.75 -1.36
C ALA H 41 -32.60 17.68 -2.44
N PHE H 42 -31.53 16.96 -2.69
CA PHE H 42 -31.56 15.95 -3.74
C PHE H 42 -32.33 14.75 -3.24
N ASN H 43 -33.31 14.32 -4.04
CA ASN H 43 -33.93 13.02 -3.82
C ASN H 43 -34.54 12.53 -5.13
N GLU H 44 -34.02 11.41 -5.64
CA GLU H 44 -34.31 10.88 -6.97
C GLU H 44 -34.13 9.38 -6.97
N PRO H 45 -34.90 8.67 -7.79
CA PRO H 45 -34.73 7.22 -7.90
C PRO H 45 -33.42 6.83 -8.54
N GLY H 46 -32.93 5.65 -8.14
CA GLY H 46 -31.75 5.08 -8.77
C GLY H 46 -31.06 4.04 -7.93
N ASP H 47 -30.57 2.98 -8.57
CA ASP H 47 -29.71 2.01 -7.91
C ASP H 47 -28.23 2.36 -8.02
N ASN H 48 -27.86 3.23 -8.97
CA ASN H 48 -26.49 3.63 -9.19
C ASN H 48 -26.42 5.14 -9.39
N VAL H 49 -25.29 5.72 -9.00
CA VAL H 49 -25.10 7.16 -9.12
C VAL H 49 -23.65 7.49 -9.40
N SER H 50 -23.44 8.47 -10.28
CA SER H 50 -22.16 9.13 -10.49
C SER H 50 -22.42 10.62 -10.46
N VAL H 51 -21.35 11.42 -10.43
CA VAL H 51 -21.52 12.86 -10.25
C VAL H 51 -20.29 13.58 -10.77
N THR H 52 -20.53 14.74 -11.38
CA THR H 52 -19.48 15.69 -11.70
C THR H 52 -20.04 17.06 -11.38
N SER H 53 -19.13 18.03 -11.28
CA SER H 53 -19.49 19.39 -10.89
C SER H 53 -18.44 20.35 -11.42
N TRP H 54 -18.86 21.55 -11.77
CA TRP H 54 -17.88 22.56 -12.15
C TRP H 54 -18.33 23.93 -11.72
N LEU H 55 -17.34 24.82 -11.57
CA LEU H 55 -17.55 26.21 -11.20
C LEU H 55 -17.55 27.12 -12.41
N VAL H 56 -18.39 28.15 -12.33
CA VAL H 56 -18.37 29.28 -13.25
C VAL H 56 -18.30 30.49 -12.33
N GLY H 57 -17.10 31.04 -12.14
CA GLY H 57 -16.88 31.91 -11.01
C GLY H 57 -17.14 31.15 -9.71
N SER H 58 -18.00 31.71 -8.88
CA SER H 58 -18.39 31.10 -7.61
C SER H 58 -19.62 30.21 -7.71
N ALA H 59 -20.28 30.16 -8.86
CA ALA H 59 -21.53 29.41 -9.01
C ALA H 59 -21.22 27.98 -9.42
N ILE H 60 -21.65 27.04 -8.58
CA ILE H 60 -21.42 25.62 -8.82
C ILE H 60 -22.48 25.10 -9.79
N HIS H 61 -22.09 24.11 -10.59
CA HIS H 61 -23.02 23.41 -11.46
C HIS H 61 -22.78 21.94 -11.29
N ILE H 62 -23.82 21.21 -10.91
CA ILE H 62 -23.71 19.79 -10.61
C ILE H 62 -24.56 19.01 -11.60
N ARG H 63 -24.06 17.83 -11.97
CA ARG H 63 -24.75 16.87 -12.81
C ARG H 63 -24.68 15.52 -12.11
N VAL H 64 -25.85 14.97 -11.78
CA VAL H 64 -25.93 13.68 -11.11
C VAL H 64 -26.54 12.69 -12.10
N TYR H 65 -25.87 11.55 -12.27
CA TYR H 65 -26.33 10.52 -13.22
C TYR H 65 -26.88 9.35 -12.42
N ALA H 66 -28.19 9.19 -12.48
CA ALA H 66 -28.92 8.19 -11.71
C ALA H 66 -29.37 7.09 -12.65
N SER H 67 -28.99 5.85 -12.33
CA SER H 67 -29.29 4.70 -13.17
C SER H 67 -30.20 3.74 -12.42
N THR H 68 -31.30 3.35 -13.07
CA THR H 68 -32.12 2.23 -12.62
C THR H 68 -32.18 1.25 -13.78
N GLY H 69 -31.62 0.06 -13.58
CA GLY H 69 -31.49 -0.89 -14.67
C GLY H 69 -30.65 -0.36 -15.79
N THR H 70 -31.31 -0.08 -16.91
CA THR H 70 -30.69 0.37 -18.15
C THR H 70 -30.79 1.87 -18.34
N THR H 71 -31.66 2.53 -17.61
CA THR H 71 -31.97 3.94 -17.85
C THR H 71 -31.12 4.80 -16.93
N THR H 72 -30.23 5.61 -17.52
CA THR H 72 -29.51 6.65 -16.80
C THR H 72 -30.27 7.97 -16.96
N THR H 73 -30.35 8.73 -15.87
CA THR H 73 -31.09 9.99 -15.85
C THR H 73 -30.18 11.10 -15.32
N GLU H 74 -30.12 12.21 -16.05
CA GLU H 74 -29.31 13.36 -15.65
C GLU H 74 -30.14 14.35 -14.82
N TRP H 75 -29.70 14.59 -13.60
CA TRP H 75 -30.28 15.60 -12.73
C TRP H 75 -29.29 16.76 -12.63
N CYS H 76 -29.74 17.95 -13.01
CA CYS H 76 -28.89 19.12 -13.18
C CYS H 76 -29.16 20.11 -12.04
N TRP H 77 -28.11 20.62 -11.42
CA TRP H 77 -28.27 21.70 -10.45
C TRP H 77 -27.48 22.91 -10.92
N ASP H 78 -28.17 24.04 -11.06
CA ASP H 78 -27.58 25.25 -11.62
C ASP H 78 -28.09 26.48 -10.86
N GLY H 79 -28.28 26.34 -9.55
CA GLY H 79 -28.74 27.43 -8.70
C GLY H 79 -30.24 27.56 -8.52
N ASN H 80 -31.03 26.59 -8.97
CA ASN H 80 -32.47 26.74 -8.89
C ASN H 80 -33.17 25.39 -8.86
N GLY H 81 -32.75 24.54 -7.93
CA GLY H 81 -33.36 23.24 -7.77
C GLY H 81 -32.87 22.25 -8.81
N TRP H 82 -33.03 20.98 -8.46
CA TRP H 82 -32.66 19.89 -9.33
C TRP H 82 -33.67 19.75 -10.45
N THR H 83 -33.19 19.82 -11.69
CA THR H 83 -34.02 19.70 -12.88
C THR H 83 -33.43 18.65 -13.81
N LYS H 84 -34.31 17.97 -14.54
CA LYS H 84 -33.89 16.89 -15.42
C LYS H 84 -33.23 17.43 -16.69
N GLY H 85 -32.09 16.83 -17.06
CA GLY H 85 -31.24 17.33 -18.12
C GLY H 85 -31.28 16.50 -19.40
N ALA H 86 -30.67 17.06 -20.45
CA ALA H 86 -30.81 16.53 -21.79
C ALA H 86 -30.08 15.22 -22.02
N TYR H 87 -29.36 14.71 -21.02
CA TYR H 87 -28.59 13.48 -21.24
C TYR H 87 -29.52 12.36 -21.66
N THR H 88 -29.15 11.70 -22.76
CA THR H 88 -29.66 10.40 -23.11
C THR H 88 -28.49 9.51 -23.48
N ALA H 89 -28.70 8.20 -23.33
CA ALA H 89 -27.75 7.20 -23.82
C ALA H 89 -27.74 7.07 -25.34
N THR H 90 -28.75 7.60 -26.03
CA THR H 90 -28.85 7.45 -27.48
C THR H 90 -29.08 8.79 -28.19
N DLY I 1 -28.65 26.30 -2.08
CA DLY I 1 -28.37 27.71 -2.22
C DLY I 1 -28.75 28.24 -3.58
O DLY I 1 -29.79 27.89 -4.14
CB DLY I 1 -29.09 28.53 -1.17
CG DLY I 1 -28.68 28.24 0.24
CD DLY I 1 -29.16 29.38 1.15
N DTY I 2 -27.90 29.10 -4.12
CA DTY I 2 -28.17 29.78 -5.36
C DTY I 2 -29.26 30.78 -5.12
O DTY I 2 -29.18 31.62 -4.23
CB DTY I 2 -26.93 30.46 -5.95
CG DTY I 2 -26.39 29.79 -7.20
CD1 DTY I 2 -26.61 30.32 -8.47
CD2 DTY I 2 -25.70 28.58 -7.10
CE1 DTY I 2 -26.12 29.66 -9.62
CE2 DTY I 2 -25.22 27.93 -8.23
CZ DTY I 2 -25.42 28.46 -9.48
OH DTY I 2 -24.92 27.77 -10.55
N DLY I 3 -30.31 30.66 -5.91
CA DLY I 3 -31.33 31.69 -5.98
C DLY I 3 -30.72 33.03 -6.38
O DLY I 3 -30.18 33.19 -7.49
CB DLY I 3 -32.45 31.27 -6.93
CG DLY I 3 -33.76 31.95 -6.66
CD DLY I 3 -34.95 30.98 -6.71
CE DLY I 3 -36.27 31.76 -6.52
NZ DLY I 3 -37.49 31.02 -7.04
N DLY I 4 -30.75 33.93 -5.42
CA DLY I 4 -30.70 35.40 -5.59
C DLY I 4 -30.29 35.96 -6.96
O DLY I 4 -29.14 36.38 -7.15
CB DLY I 4 -32.07 36.01 -5.18
CG DLY I 4 -33.33 35.35 -5.83
CD DLY I 4 -34.43 35.10 -4.81
CE DLY I 4 -33.99 34.07 -3.78
NZ DLY I 4 -35.01 32.99 -3.73
N DAL I 5 -31.25 35.99 -7.87
CA DAL I 5 -31.11 36.61 -9.17
CB DAL I 5 -32.43 36.56 -9.91
C DAL I 5 -30.03 35.92 -9.98
O DAL I 5 -29.27 36.57 -10.71
N DLE I 6 -29.95 34.60 -9.85
CA DLE I 6 -28.95 33.84 -10.58
CB DLE I 6 -29.10 32.35 -10.30
CG DLE I 6 -30.47 31.77 -10.67
CD1 DLE I 6 -30.90 32.28 -12.01
CD2 DLE I 6 -30.42 30.26 -10.69
C DLE I 6 -27.56 34.34 -10.24
O DLE I 6 -26.74 34.58 -11.13
N DLY I 7 -27.29 34.55 -8.95
CA DLY I 7 -25.96 35.00 -8.49
C DLY I 7 -25.61 36.38 -9.04
O DLY I 7 -24.54 36.55 -9.64
CB DLY I 7 -25.86 35.01 -6.95
CG DLY I 7 -25.26 33.72 -6.33
CD DLY I 7 -23.89 33.35 -6.93
CE DLY I 7 -23.47 31.92 -6.53
NZ DLY I 7 -23.13 31.79 -5.09
N DLY I 8 -26.51 37.34 -8.85
CA DLY I 8 -26.34 38.68 -9.43
C DLY I 8 -26.13 38.59 -10.95
O DLY I 8 -25.24 39.24 -11.51
CB DLY I 8 -27.57 39.54 -9.11
CG DLY I 8 -27.79 39.69 -7.62
CD DLY I 8 -29.26 39.93 -7.28
CE DLY I 8 -29.48 41.25 -6.56
NZ DLY I 8 -29.21 42.42 -7.44
N DLE I 9 -26.94 37.76 -11.59
CA DLE I 9 -26.83 37.56 -13.03
CB DLE I 9 -28.00 36.70 -13.54
CG DLE I 9 -29.07 37.48 -14.31
CD1 DLE I 9 -29.81 38.48 -13.43
CD2 DLE I 9 -28.42 38.18 -15.50
C DLE I 9 -25.51 36.96 -13.45
O DLE I 9 -24.91 37.41 -14.43
N DAL I 10 -25.05 35.95 -12.72
CA DAL I 10 -23.80 35.24 -13.05
CB DAL I 10 -23.58 34.04 -12.10
C DAL I 10 -22.59 36.18 -13.02
O DAL I 10 -21.51 35.86 -13.52
N DLY I 11 -22.80 37.36 -12.42
CA DLY I 11 -21.76 38.38 -12.33
C DLY I 11 -21.54 39.00 -13.71
O DLY I 11 -20.49 38.82 -14.33
CB DLY I 11 -22.16 39.45 -11.31
CG DLY I 11 -21.03 39.88 -10.36
CD DLY I 11 -20.53 38.71 -9.52
CE DLY I 11 -19.45 39.14 -8.52
NZ DLY I 11 -19.18 38.11 -7.48
N DLE I 12 -22.55 39.74 -14.18
CA DLE I 12 -22.49 40.53 -15.42
CB DLE I 12 -23.85 41.19 -15.70
CG DLE I 12 -24.75 41.56 -14.51
CD1 DLE I 12 -25.25 43.01 -14.56
CD2 DLE I 12 -25.94 40.61 -14.46
C DLE I 12 -22.03 39.73 -16.65
O DLE I 12 -21.01 40.05 -17.27
N NH2 I 13 -22.81 38.70 -17.01
N SER J 2 -28.44 -5.92 -12.31
CA SER J 2 -29.62 -5.16 -11.96
C SER J 2 -29.59 -3.81 -12.66
N SER J 3 -28.51 -3.06 -12.45
CA SER J 3 -28.42 -1.69 -12.95
C SER J 3 -27.07 -1.46 -13.61
N VAL J 4 -27.07 -0.70 -14.70
CA VAL J 4 -25.80 -0.23 -15.28
C VAL J 4 -25.10 0.61 -14.23
N GLN J 5 -23.84 0.92 -14.48
CA GLN J 5 -22.98 1.61 -13.54
C GLN J 5 -22.22 2.67 -14.31
N THR J 6 -22.25 3.93 -13.84
CA THR J 6 -21.66 5.01 -14.61
C THR J 6 -20.57 5.72 -13.83
N ALA J 7 -19.75 6.45 -14.57
CA ALA J 7 -18.80 7.41 -14.02
C ALA J 7 -18.74 8.61 -14.95
N ALA J 8 -18.50 9.78 -14.38
CA ALA J 8 -18.53 11.02 -15.16
C ALA J 8 -17.33 11.89 -14.85
N THR J 9 -16.90 12.64 -15.86
CA THR J 9 -15.93 13.72 -15.64
C THR J 9 -16.28 14.91 -16.52
N SER J 10 -15.83 16.09 -16.09
CA SER J 10 -16.10 17.33 -16.80
C SER J 10 -14.87 18.22 -16.74
N TRP J 11 -14.83 19.22 -17.64
CA TRP J 11 -13.71 20.16 -17.65
C TRP J 11 -14.13 21.44 -18.37
N GLY J 12 -13.33 22.47 -18.14
CA GLY J 12 -13.58 23.79 -18.64
C GLY J 12 -14.85 24.39 -18.08
N THR J 13 -15.26 25.48 -18.73
CA THR J 13 -16.43 26.25 -18.32
C THR J 13 -17.58 26.21 -19.31
N VAL J 14 -17.44 25.46 -20.41
CA VAL J 14 -18.54 25.29 -21.36
C VAL J 14 -19.74 24.61 -20.72
N PRO J 15 -19.60 23.45 -20.05
CA PRO J 15 -18.41 22.61 -19.90
C PRO J 15 -18.37 21.52 -20.96
N SER J 16 -17.31 20.70 -20.93
CA SER J 16 -17.31 19.41 -21.60
C SER J 16 -17.52 18.34 -20.54
N ILE J 17 -18.33 17.33 -20.89
CA ILE J 17 -18.66 16.24 -20.00
C ILE J 17 -18.47 14.92 -20.75
N ARG J 18 -17.95 13.92 -20.06
CA ARG J 18 -17.95 12.54 -20.55
C ARG J 18 -18.57 11.65 -19.48
N VAL J 19 -19.64 10.95 -19.86
CA VAL J 19 -20.33 9.97 -19.04
C VAL J 19 -20.02 8.58 -19.58
N TYR J 20 -19.41 7.74 -18.74
CA TYR J 20 -19.07 6.36 -19.10
C TYR J 20 -20.05 5.43 -18.38
N THR J 21 -20.63 4.48 -19.13
CA THR J 21 -21.62 3.59 -18.54
C THR J 21 -21.24 2.15 -18.85
N ALA J 22 -21.24 1.29 -17.83
CA ALA J 22 -20.93 -0.12 -18.00
C ALA J 22 -22.26 -0.87 -18.11
N ASN J 23 -22.45 -1.62 -19.18
CA ASN J 23 -23.71 -2.30 -19.44
C ASN J 23 -23.44 -3.64 -20.09
N ASN J 24 -23.77 -4.72 -19.38
CA ASN J 24 -23.57 -6.08 -19.85
C ASN J 24 -22.11 -6.33 -20.27
N GLY J 25 -21.18 -5.81 -19.47
CA GLY J 25 -19.75 -6.06 -19.65
C GLY J 25 -19.01 -5.11 -20.56
N LYS J 26 -19.73 -4.26 -21.29
CA LYS J 26 -19.12 -3.32 -22.23
C LYS J 26 -19.29 -1.91 -21.71
N ILE J 27 -18.25 -1.09 -21.87
CA ILE J 27 -18.23 0.29 -21.40
C ILE J 27 -18.29 1.23 -22.60
N THR J 28 -19.30 2.08 -22.64
CA THR J 28 -19.47 3.05 -23.71
C THR J 28 -19.38 4.46 -23.15
N GLU J 29 -19.36 5.44 -24.06
CA GLU J 29 -19.03 6.82 -23.73
C GLU J 29 -20.01 7.75 -24.44
N ARG J 30 -20.64 8.63 -23.66
CA ARG J 30 -21.42 9.72 -24.22
C ARG J 30 -20.66 10.99 -23.92
N CYS J 31 -20.90 12.01 -24.73
CA CYS J 31 -20.02 13.18 -24.72
C CYS J 31 -20.85 14.43 -24.91
N TRP J 32 -20.54 15.44 -24.10
CA TRP J 32 -21.17 16.75 -24.17
C TRP J 32 -20.08 17.80 -24.36
N ASP J 33 -20.14 18.55 -25.46
CA ASP J 33 -19.21 19.65 -25.67
C ASP J 33 -19.95 20.98 -25.84
N GLY J 34 -21.16 21.09 -25.31
CA GLY J 34 -21.91 22.33 -25.26
C GLY J 34 -23.02 22.47 -26.29
N LYS J 35 -23.26 21.43 -27.10
CA LYS J 35 -24.14 21.56 -28.25
C LYS J 35 -24.88 20.26 -28.53
N GLY J 36 -25.14 19.47 -27.49
CA GLY J 36 -25.79 18.19 -27.69
C GLY J 36 -24.90 17.02 -27.32
N TRP J 37 -25.53 15.99 -26.77
CA TRP J 37 -24.87 14.73 -26.43
C TRP J 37 -24.64 13.89 -27.67
N TYR J 38 -23.44 13.32 -27.76
CA TYR J 38 -23.07 12.43 -28.85
C TYR J 38 -22.26 11.27 -28.29
N THR J 39 -22.26 10.16 -29.02
CA THR J 39 -21.51 8.98 -28.62
C THR J 39 -20.03 9.13 -28.96
N GLY J 40 -19.17 8.78 -28.02
CA GLY J 40 -17.75 8.93 -28.19
C GLY J 40 -17.03 7.66 -28.63
N ALA J 41 -15.77 7.84 -28.98
CA ALA J 41 -15.00 6.71 -29.48
C ALA J 41 -14.73 5.65 -28.42
N PHE J 42 -14.96 5.94 -27.14
CA PHE J 42 -14.58 4.99 -26.12
C PHE J 42 -15.45 3.75 -26.17
N ASN J 43 -14.79 2.59 -26.06
CA ASN J 43 -15.43 1.31 -26.29
C ASN J 43 -14.50 0.18 -25.88
N GLU J 44 -14.41 -0.09 -24.58
CA GLU J 44 -13.61 -1.17 -24.05
C GLU J 44 -14.43 -1.99 -23.09
N PRO J 45 -14.08 -3.26 -22.92
CA PRO J 45 -14.86 -4.14 -22.04
C PRO J 45 -14.67 -3.81 -20.57
N GLY J 46 -15.70 -4.11 -19.79
CA GLY J 46 -15.65 -3.83 -18.37
C GLY J 46 -16.98 -3.97 -17.66
N ASP J 47 -16.94 -4.46 -16.43
CA ASP J 47 -18.13 -4.50 -15.59
C ASP J 47 -18.18 -3.33 -14.62
N ASN J 48 -17.09 -2.55 -14.53
CA ASN J 48 -16.99 -1.43 -13.62
C ASN J 48 -16.12 -0.36 -14.26
N VAL J 49 -16.49 0.89 -14.06
CA VAL J 49 -15.73 1.99 -14.64
C VAL J 49 -15.66 3.13 -13.65
N SER J 50 -14.45 3.70 -13.54
CA SER J 50 -14.22 5.02 -12.97
C SER J 50 -13.41 5.85 -13.95
N VAL J 51 -13.23 7.12 -13.63
CA VAL J 51 -12.65 8.07 -14.56
C VAL J 51 -12.08 9.23 -13.76
N THR J 52 -11.03 9.84 -14.31
CA THR J 52 -10.52 11.13 -13.85
C THR J 52 -9.89 11.84 -15.02
N SER J 53 -9.82 13.15 -14.93
CA SER J 53 -9.39 13.93 -16.07
C SER J 53 -8.71 15.19 -15.56
N TRP J 54 -7.87 15.75 -16.41
CA TRP J 54 -7.15 16.96 -16.03
C TRP J 54 -6.75 17.69 -17.29
N LEU J 55 -6.48 18.99 -17.13
CA LEU J 55 -6.28 19.91 -18.23
C LEU J 55 -4.87 20.48 -18.19
N VAL J 56 -4.17 20.37 -19.30
CA VAL J 56 -2.89 21.05 -19.47
C VAL J 56 -3.16 22.19 -20.44
N GLY J 57 -3.38 23.39 -19.91
CA GLY J 57 -3.87 24.49 -20.70
C GLY J 57 -5.29 24.19 -21.18
N SER J 58 -5.46 24.10 -22.50
CA SER J 58 -6.75 23.78 -23.09
C SER J 58 -6.87 22.30 -23.42
N ALA J 59 -5.82 21.53 -23.17
CA ALA J 59 -5.72 20.15 -23.64
C ALA J 59 -6.12 19.20 -22.53
N ILE J 60 -7.11 18.34 -22.83
CA ILE J 60 -7.69 17.43 -21.84
C ILE J 60 -6.92 16.11 -21.85
N HIS J 61 -6.85 15.50 -20.67
CA HIS J 61 -6.32 14.16 -20.51
C HIS J 61 -7.31 13.35 -19.67
N ILE J 62 -7.73 12.21 -20.20
CA ILE J 62 -8.71 11.34 -19.56
C ILE J 62 -8.07 10.00 -19.25
N ARG J 63 -8.36 9.48 -18.06
CA ARG J 63 -7.96 8.14 -17.65
C ARG J 63 -9.19 7.37 -17.20
N VAL J 64 -9.44 6.24 -17.85
CA VAL J 64 -10.59 5.38 -17.60
C VAL J 64 -10.11 4.04 -17.09
N TYR J 65 -10.64 3.64 -15.93
CA TYR J 65 -10.22 2.43 -15.23
C TYR J 65 -11.34 1.39 -15.35
N ALA J 66 -11.18 0.50 -16.32
CA ALA J 66 -12.14 -0.54 -16.60
C ALA J 66 -11.78 -1.80 -15.81
N SER J 67 -12.73 -2.31 -15.04
CA SER J 67 -12.47 -3.45 -14.17
C SER J 67 -13.39 -4.59 -14.55
N THR J 68 -12.79 -5.70 -14.97
CA THR J 68 -13.48 -6.95 -15.26
C THR J 68 -12.85 -8.01 -14.37
N GLY J 69 -13.61 -8.50 -13.40
CA GLY J 69 -13.06 -9.38 -12.39
C GLY J 69 -12.16 -8.65 -11.41
N THR J 70 -11.00 -9.24 -11.12
CA THR J 70 -9.94 -8.62 -10.32
C THR J 70 -9.00 -7.78 -11.19
N THR J 71 -9.21 -7.74 -12.50
CA THR J 71 -8.30 -7.09 -13.44
C THR J 71 -8.82 -5.70 -13.79
N THR J 72 -7.97 -4.70 -13.60
CA THR J 72 -8.31 -3.30 -13.89
C THR J 72 -7.37 -2.79 -14.99
N THR J 73 -7.95 -2.32 -16.08
CA THR J 73 -7.19 -1.82 -17.21
C THR J 73 -7.40 -0.31 -17.36
N GLU J 74 -6.32 0.45 -17.37
CA GLU J 74 -6.36 1.89 -17.58
C GLU J 74 -6.33 2.20 -19.06
N TRP J 75 -7.24 3.08 -19.48
CA TRP J 75 -7.24 3.58 -20.84
C TRP J 75 -6.97 5.08 -20.78
N CYS J 76 -6.15 5.54 -21.71
CA CYS J 76 -5.60 6.89 -21.66
C CYS J 76 -6.06 7.64 -22.89
N TRP J 77 -6.59 8.85 -22.70
CA TRP J 77 -6.90 9.75 -23.80
C TRP J 77 -6.05 10.99 -23.65
N ASP J 78 -5.17 11.23 -24.62
CA ASP J 78 -4.23 12.34 -24.57
C ASP J 78 -4.15 13.05 -25.91
N GLY J 79 -5.23 12.99 -26.68
CA GLY J 79 -5.35 13.70 -27.93
C GLY J 79 -5.06 12.89 -29.18
N ASN J 80 -5.07 11.57 -29.11
CA ASN J 80 -4.73 10.79 -30.29
C ASN J 80 -5.22 9.36 -30.12
N GLY J 81 -6.49 9.22 -29.76
CA GLY J 81 -7.08 7.92 -29.54
C GLY J 81 -6.83 7.38 -28.16
N TRP J 82 -7.59 6.34 -27.83
CA TRP J 82 -7.49 5.67 -26.55
C TRP J 82 -6.41 4.60 -26.57
N THR J 83 -5.53 4.64 -25.59
CA THR J 83 -4.39 3.75 -25.48
C THR J 83 -4.41 3.07 -24.13
N LYS J 84 -3.90 1.84 -24.07
CA LYS J 84 -3.80 1.14 -22.79
C LYS J 84 -2.64 1.70 -21.97
N GLY J 85 -2.88 1.87 -20.68
CA GLY J 85 -1.94 2.57 -19.81
C GLY J 85 -1.09 1.64 -18.97
N ALA J 86 -0.12 2.25 -18.27
CA ALA J 86 0.80 1.52 -17.42
C ALA J 86 0.19 1.06 -16.10
N TYR J 87 -1.08 1.39 -15.82
CA TYR J 87 -1.65 1.00 -14.55
C TYR J 87 -1.63 -0.52 -14.41
N THR J 88 -1.27 -0.97 -13.21
CA THR J 88 -1.40 -2.35 -12.81
C THR J 88 -1.93 -2.33 -11.39
N ALA J 89 -2.44 -3.48 -10.95
CA ALA J 89 -2.72 -3.64 -9.53
C ALA J 89 -1.43 -3.78 -8.76
N THR J 90 -0.39 -4.29 -9.41
CA THR J 90 0.75 -4.89 -8.71
C THR J 90 2.10 -4.69 -9.42
N DLY K 1 -12.12 15.07 -30.49
CA DLY K 1 -11.26 16.07 -31.11
C DLY K 1 -9.81 15.71 -30.86
O DLY K 1 -9.45 14.54 -30.75
CB DLY K 1 -11.54 16.19 -32.61
CG DLY K 1 -12.52 17.30 -33.01
CD DLY K 1 -13.98 17.01 -32.57
CE DLY K 1 -14.59 15.75 -33.24
NZ DLY K 1 -15.67 15.10 -32.40
N DTY K 2 -8.96 16.73 -30.76
CA DTY K 2 -7.57 16.54 -30.41
C DTY K 2 -6.68 16.08 -31.55
O DTY K 2 -6.02 15.07 -31.43
CB DTY K 2 -6.96 17.79 -29.76
CG DTY K 2 -6.27 17.45 -28.46
CD1 DTY K 2 -4.89 17.32 -28.39
CD2 DTY K 2 -7.02 17.21 -27.31
CE1 DTY K 2 -4.27 16.99 -27.19
CE2 DTY K 2 -6.42 16.89 -26.11
CZ DTY K 2 -5.05 16.76 -26.05
OH DTY K 2 -4.47 16.44 -24.84
N DLY K 3 -6.69 16.80 -32.67
CA DLY K 3 -5.67 16.61 -33.71
C DLY K 3 -4.32 16.93 -33.13
O DLY K 3 -3.82 16.19 -32.29
CB DLY K 3 -5.66 15.19 -34.30
N DLY K 4 -3.67 18.00 -33.56
CA DLY K 4 -3.96 18.83 -34.72
C DLY K 4 -2.65 19.56 -34.54
O DLY K 4 -2.59 20.74 -34.16
CB DLY K 4 -3.85 18.04 -36.04
CG DLY K 4 -4.89 18.40 -37.10
CD DLY K 4 -6.02 17.36 -37.16
CE DLY K 4 -5.56 16.10 -37.89
NZ DLY K 4 -6.28 14.88 -37.41
N DAL K 5 -1.59 18.78 -34.75
CA DAL K 5 -0.21 19.10 -34.39
CB DAL K 5 0.74 18.11 -35.05
C DAL K 5 0.00 19.07 -32.87
O DAL K 5 0.77 19.86 -32.34
N DLE K 6 -0.67 18.14 -32.20
CA DLE K 6 -0.51 17.98 -30.75
CB DLE K 6 -1.35 16.81 -30.22
CG DLE K 6 -1.13 15.35 -30.66
CD1 DLE K 6 -0.12 15.20 -31.77
CD2 DLE K 6 -0.77 14.46 -29.48
C DLE K 6 -0.89 19.27 -30.02
O DLE K 6 -0.42 19.52 -28.91
N DLY K 7 -1.73 20.07 -30.66
CA DLY K 7 -2.07 21.40 -30.17
C DLY K 7 -0.90 22.38 -30.38
O DLY K 7 -0.80 23.39 -29.67
CB DLY K 7 -3.33 21.93 -30.85
N DLY K 8 -0.02 22.10 -31.33
CA DLY K 8 1.21 22.88 -31.50
C DLY K 8 2.18 22.63 -30.34
O DLY K 8 2.81 23.57 -29.83
CB DLY K 8 1.87 22.61 -32.85
N DLE K 9 2.28 21.37 -29.91
CA DLE K 9 3.07 21.00 -28.73
CB DLE K 9 3.03 19.48 -28.50
C DLE K 9 2.55 21.73 -27.48
O DLE K 9 3.34 22.10 -26.59
N DAL K 10 1.25 21.92 -27.41
CA DAL K 10 0.64 22.75 -26.39
CB DAL K 10 -0.89 22.73 -26.52
C DAL K 10 1.18 24.17 -26.51
O DAL K 10 1.72 24.73 -25.55
N DLY K 11 1.04 24.75 -27.72
CA DLY K 11 1.43 26.14 -28.01
C DLY K 11 2.87 26.41 -27.54
O DLY K 11 3.16 27.44 -26.93
CB DLY K 11 1.32 26.44 -29.50
N DLE K 12 3.73 25.44 -27.85
CA DLE K 12 5.15 25.45 -27.46
CB DLE K 12 5.75 24.04 -27.63
CG DLE K 12 6.61 23.86 -28.88
CD1 DLE K 12 5.90 24.43 -30.10
CD2 DLE K 12 8.00 24.47 -28.68
C DLE K 12 5.41 25.93 -26.04
O DLE K 12 6.43 26.55 -25.78
N NH2 K 13 4.49 25.62 -25.13
N SER L 2 -17.91 -11.58 -8.91
CA SER L 2 -18.29 -10.17 -8.87
C SER L 2 -17.07 -9.33 -9.20
N SER L 3 -17.29 -8.15 -9.76
CA SER L 3 -16.20 -7.32 -10.24
C SER L 3 -15.72 -6.37 -9.15
N VAL L 4 -14.42 -6.04 -9.17
CA VAL L 4 -13.94 -5.00 -8.26
C VAL L 4 -14.52 -3.66 -8.68
N GLN L 5 -14.53 -2.73 -7.72
CA GLN L 5 -15.13 -1.42 -7.89
C GLN L 5 -14.06 -0.36 -7.63
N THR L 6 -13.83 0.52 -8.61
CA THR L 6 -12.74 1.48 -8.56
C THR L 6 -13.30 2.89 -8.43
N ALA L 7 -12.42 3.79 -8.03
CA ALA L 7 -12.74 5.21 -7.90
C ALA L 7 -11.41 5.94 -8.04
N ALA L 8 -11.45 7.12 -8.64
CA ALA L 8 -10.19 7.76 -9.04
C ALA L 8 -10.28 9.27 -8.95
N THR L 9 -9.18 9.87 -8.52
CA THR L 9 -9.06 11.32 -8.43
C THR L 9 -7.69 11.72 -8.98
N SER L 10 -7.54 12.99 -9.29
CA SER L 10 -6.28 13.47 -9.84
C SER L 10 -6.18 14.98 -9.63
N TRP L 11 -4.95 15.44 -9.43
CA TRP L 11 -4.71 16.86 -9.22
C TRP L 11 -3.40 17.25 -9.90
N GLY L 12 -3.21 18.55 -10.04
CA GLY L 12 -2.00 19.09 -10.61
C GLY L 12 -1.92 18.93 -12.12
N THR L 13 -0.72 19.20 -12.64
CA THR L 13 -0.46 19.02 -14.06
C THR L 13 0.52 17.88 -14.35
N VAL L 14 1.15 17.30 -13.32
CA VAL L 14 2.05 16.17 -13.53
C VAL L 14 1.39 15.03 -14.30
N PRO L 15 0.21 14.53 -13.93
CA PRO L 15 -0.58 14.80 -12.72
C PRO L 15 -0.19 13.85 -11.60
N SER L 16 -0.78 14.02 -10.42
CA SER L 16 -0.82 12.93 -9.47
C SER L 16 -2.15 12.20 -9.66
N ILE L 17 -2.14 10.88 -9.52
CA ILE L 17 -3.33 10.06 -9.63
C ILE L 17 -3.42 9.11 -8.44
N ARG L 18 -4.65 8.89 -7.98
CA ARG L 18 -4.95 7.89 -6.96
C ARG L 18 -6.16 7.08 -7.42
N VAL L 19 -5.99 5.76 -7.47
CA VAL L 19 -7.04 4.81 -7.81
C VAL L 19 -7.30 3.95 -6.57
N TYR L 20 -8.50 4.04 -6.04
CA TYR L 20 -8.92 3.19 -4.92
C TYR L 20 -9.74 2.03 -5.47
N THR L 21 -9.48 0.83 -4.96
CA THR L 21 -10.12 -0.37 -5.46
C THR L 21 -10.77 -1.09 -4.28
N ALA L 22 -12.03 -1.47 -4.45
CA ALA L 22 -12.69 -2.35 -3.49
C ALA L 22 -12.53 -3.79 -3.98
N ASN L 23 -12.17 -4.68 -3.07
CA ASN L 23 -11.84 -6.06 -3.48
C ASN L 23 -12.04 -6.98 -2.28
N ASN L 24 -13.17 -7.67 -2.26
CA ASN L 24 -13.46 -8.64 -1.22
C ASN L 24 -13.43 -7.98 0.17
N GLY L 25 -13.96 -6.76 0.26
CA GLY L 25 -14.18 -6.11 1.54
C GLY L 25 -13.06 -5.23 2.04
N LYS L 26 -12.10 -4.90 1.19
CA LYS L 26 -10.97 -4.08 1.60
C LYS L 26 -10.73 -3.09 0.47
N ILE L 27 -10.42 -1.85 0.83
CA ILE L 27 -10.14 -0.82 -0.14
C ILE L 27 -8.66 -0.49 -0.05
N THR L 28 -7.95 -0.63 -1.16
CA THR L 28 -6.53 -0.34 -1.25
C THR L 28 -6.28 0.68 -2.35
N GLU L 29 -5.07 1.22 -2.36
CA GLU L 29 -4.78 2.44 -3.09
C GLU L 29 -3.58 2.22 -4.01
N ARG L 30 -3.70 2.72 -5.24
CA ARG L 30 -2.60 2.76 -6.18
C ARG L 30 -2.37 4.21 -6.56
N CYS L 31 -1.12 4.62 -6.56
CA CYS L 31 -0.76 6.02 -6.65
C CYS L 31 0.17 6.24 -7.83
N TRP L 32 -0.01 7.37 -8.53
CA TRP L 32 0.85 7.81 -9.62
C TRP L 32 1.26 9.26 -9.36
N ASP L 33 2.57 9.50 -9.24
CA ASP L 33 3.09 10.84 -9.02
C ASP L 33 4.09 11.24 -10.09
N GLY L 34 4.04 10.61 -11.26
CA GLY L 34 4.90 10.96 -12.39
C GLY L 34 6.02 9.98 -12.66
N LYS L 35 6.33 9.11 -11.72
CA LYS L 35 7.49 8.23 -11.81
C LYS L 35 7.07 6.78 -11.57
N GLY L 36 5.87 6.42 -11.99
CA GLY L 36 5.44 5.04 -11.90
C GLY L 36 4.40 4.82 -10.81
N TRP L 37 3.64 3.74 -10.97
CA TRP L 37 2.59 3.37 -10.04
C TRP L 37 3.14 2.65 -8.82
N TYR L 38 2.76 3.11 -7.63
CA TYR L 38 3.12 2.42 -6.40
C TYR L 38 1.92 2.31 -5.48
N THR L 39 1.95 1.30 -4.61
CA THR L 39 0.85 1.03 -3.69
C THR L 39 0.91 1.98 -2.50
N GLY L 40 -0.21 2.66 -2.25
CA GLY L 40 -0.26 3.71 -1.26
C GLY L 40 -0.52 3.21 0.15
N ALA L 41 -0.56 4.17 1.07
CA ALA L 41 -0.79 3.92 2.49
C ALA L 41 -2.24 3.67 2.85
N PHE L 42 -3.16 3.71 1.91
CA PHE L 42 -4.58 3.60 2.26
C PHE L 42 -4.98 2.15 2.44
N ASN L 43 -5.72 1.88 3.53
CA ASN L 43 -6.12 0.51 3.81
C ASN L 43 -7.30 0.57 4.80
N GLU L 44 -8.51 0.50 4.26
CA GLU L 44 -9.75 0.54 5.02
C GLU L 44 -10.70 -0.50 4.45
N PRO L 45 -11.55 -1.08 5.28
CA PRO L 45 -12.60 -1.96 4.75
C PRO L 45 -13.65 -1.13 4.02
N GLY L 46 -14.31 -1.82 3.10
CA GLY L 46 -15.30 -1.24 2.21
C GLY L 46 -15.66 -2.23 1.13
N ASP L 47 -16.94 -2.26 0.73
CA ASP L 47 -17.33 -2.99 -0.45
C ASP L 47 -17.67 -2.07 -1.62
N ASN L 48 -17.68 -0.76 -1.38
CA ASN L 48 -17.86 0.23 -2.43
C ASN L 48 -17.10 1.48 -2.00
N VAL L 49 -16.55 2.20 -2.99
CA VAL L 49 -15.69 3.34 -2.73
C VAL L 49 -16.03 4.49 -3.68
N SER L 50 -15.92 5.72 -3.17
CA SER L 50 -15.96 6.94 -3.95
C SER L 50 -14.86 7.85 -3.39
N VAL L 51 -14.42 8.82 -4.19
CA VAL L 51 -13.33 9.70 -3.76
C VAL L 51 -13.51 11.08 -4.40
N THR L 52 -13.14 12.11 -3.65
CA THR L 52 -12.98 13.45 -4.20
C THR L 52 -11.78 14.10 -3.53
N SER L 53 -11.20 15.09 -4.21
CA SER L 53 -10.00 15.73 -3.72
C SER L 53 -9.96 17.16 -4.23
N TRP L 54 -9.18 18.00 -3.55
CA TRP L 54 -9.03 19.40 -3.91
C TRP L 54 -7.67 19.89 -3.44
N LEU L 55 -7.19 20.96 -4.06
CA LEU L 55 -5.89 21.54 -3.73
C LEU L 55 -6.05 22.85 -2.97
N VAL L 56 -5.19 23.03 -1.98
CA VAL L 56 -4.94 24.34 -1.37
C VAL L 56 -3.47 24.64 -1.67
N GLY L 57 -3.25 25.48 -2.68
CA GLY L 57 -1.92 25.56 -3.25
C GLY L 57 -1.50 24.21 -3.80
N SER L 58 -0.24 23.86 -3.53
CA SER L 58 0.33 22.56 -3.88
C SER L 58 -0.09 21.45 -2.92
N ALA L 59 -1.04 21.70 -2.02
CA ALA L 59 -1.39 20.77 -0.94
C ALA L 59 -2.69 20.05 -1.27
N ILE L 60 -2.60 18.74 -1.46
CA ILE L 60 -3.76 17.94 -1.81
C ILE L 60 -4.49 17.51 -0.54
N HIS L 61 -5.82 17.57 -0.61
CA HIS L 61 -6.71 17.06 0.42
C HIS L 61 -7.60 16.03 -0.25
N ILE L 62 -7.67 14.83 0.32
CA ILE L 62 -8.44 13.74 -0.27
C ILE L 62 -9.50 13.24 0.71
N ARG L 63 -10.72 13.01 0.21
CA ARG L 63 -11.80 12.41 0.97
C ARG L 63 -12.22 11.13 0.27
N VAL L 64 -12.19 10.02 1.00
CA VAL L 64 -12.56 8.71 0.49
C VAL L 64 -13.78 8.25 1.27
N TYR L 65 -14.84 7.89 0.55
CA TYR L 65 -16.09 7.49 1.19
C TYR L 65 -16.25 6.00 0.99
N ALA L 66 -16.11 5.25 2.08
CA ALA L 66 -16.06 3.79 2.06
C ALA L 66 -17.34 3.22 2.64
N SER L 67 -17.92 2.25 1.94
CA SER L 67 -19.25 1.78 2.28
C SER L 67 -19.25 0.27 2.42
N THR L 68 -19.70 -0.21 3.58
CA THR L 68 -20.13 -1.60 3.73
C THR L 68 -21.56 -1.59 4.24
N GLY L 69 -22.40 -2.46 3.65
CA GLY L 69 -23.81 -2.45 3.98
C GLY L 69 -24.39 -1.07 3.78
N THR L 70 -25.04 -0.55 4.82
CA THR L 70 -25.63 0.78 4.77
C THR L 70 -24.77 1.83 5.47
N THR L 71 -23.52 1.50 5.81
CA THR L 71 -22.67 2.41 6.54
C THR L 71 -21.56 2.96 5.65
N THR L 72 -21.45 4.29 5.63
CA THR L 72 -20.43 4.98 4.85
C THR L 72 -19.51 5.73 5.79
N THR L 73 -18.23 5.37 5.78
CA THR L 73 -17.19 6.02 6.58
C THR L 73 -16.33 6.91 5.69
N GLU L 74 -16.09 8.15 6.15
CA GLU L 74 -15.21 9.07 5.44
C GLU L 74 -13.79 8.98 5.99
N TRP L 75 -12.83 8.76 5.09
CA TRP L 75 -11.41 8.79 5.40
C TRP L 75 -10.80 10.04 4.77
N CYS L 76 -9.96 10.72 5.54
CA CYS L 76 -9.48 12.05 5.19
C CYS L 76 -7.97 12.02 5.06
N TRP L 77 -7.45 12.49 3.93
CA TRP L 77 -6.02 12.72 3.78
C TRP L 77 -5.79 14.22 3.74
N ASP L 78 -5.02 14.72 4.69
CA ASP L 78 -4.70 16.14 4.76
C ASP L 78 -3.23 16.36 5.08
N GLY L 79 -2.37 15.39 4.78
CA GLY L 79 -0.94 15.54 4.95
C GLY L 79 -0.32 14.90 6.17
N ASN L 80 -1.07 14.12 6.94
CA ASN L 80 -0.49 13.40 8.07
C ASN L 80 -1.32 12.16 8.40
N GLY L 81 -1.40 11.25 7.44
CA GLY L 81 -2.10 10.00 7.61
C GLY L 81 -3.59 10.11 7.31
N TRP L 82 -4.21 8.95 7.15
CA TRP L 82 -5.64 8.89 6.96
C TRP L 82 -6.33 8.90 8.31
N THR L 83 -7.20 9.88 8.51
CA THR L 83 -8.01 10.02 9.70
C THR L 83 -9.46 9.87 9.32
N LYS L 84 -10.28 9.55 10.32
CA LYS L 84 -11.72 9.38 10.12
C LYS L 84 -12.40 10.74 10.10
N GLY L 85 -13.25 10.96 9.10
CA GLY L 85 -13.93 12.22 8.97
C GLY L 85 -15.22 12.23 9.76
N ALA L 86 -15.80 13.45 9.85
CA ALA L 86 -17.05 13.63 10.56
C ALA L 86 -18.26 13.13 9.79
N TYR L 87 -18.10 12.69 8.54
CA TYR L 87 -19.25 12.32 7.72
C TYR L 87 -20.16 11.32 8.46
N THR L 88 -21.46 11.56 8.33
CA THR L 88 -22.49 10.65 8.78
C THR L 88 -23.65 10.73 7.81
N ALA L 89 -24.45 9.68 7.76
CA ALA L 89 -25.70 9.75 7.03
C ALA L 89 -26.74 10.61 7.77
N THR L 90 -26.81 10.49 9.10
CA THR L 90 -27.80 11.23 9.90
C THR L 90 -27.25 11.62 11.27
N DLY M 1 2.85 11.22 1.25
CA DLY M 1 3.78 12.33 1.37
C DLY M 1 3.38 13.27 2.51
O DLY M 1 3.14 12.84 3.64
CB DLY M 1 5.19 11.79 1.61
CG DLY M 1 6.31 12.78 1.34
CD DLY M 1 7.54 12.05 0.85
CE DLY M 1 8.54 13.02 0.23
NZ DLY M 1 7.93 13.83 -0.91
N DTY M 2 3.32 14.56 2.22
CA DTY M 2 2.95 15.55 3.23
C DTY M 2 4.03 15.70 4.28
O DTY M 2 5.22 15.86 3.98
CB DTY M 2 2.67 16.93 2.60
CG DTY M 2 1.22 17.35 2.58
CD1 DTY M 2 0.30 16.77 1.70
CD2 DTY M 2 0.76 18.35 3.45
CE1 DTY M 2 -1.02 17.17 1.67
CE2 DTY M 2 -0.57 18.74 3.42
CZ DTY M 2 -1.46 18.15 2.54
OH DTY M 2 -2.78 18.54 2.50
N DLY M 3 3.61 15.63 5.54
CA DLY M 3 4.41 16.11 6.65
C DLY M 3 4.93 17.49 6.28
O DLY M 3 4.16 18.42 6.03
CB DLY M 3 3.55 16.18 7.91
CG DLY M 3 4.28 15.88 9.17
CD DLY M 3 4.45 14.38 9.40
CE DLY M 3 5.56 14.11 10.42
NZ DLY M 3 5.56 15.12 11.55
N DLY M 4 6.25 17.60 6.24
CA DLY M 4 6.96 18.82 5.84
C DLY M 4 6.55 20.02 6.70
O DLY M 4 6.35 21.13 6.19
CB DLY M 4 8.47 18.58 5.93
CG DLY M 4 8.93 17.94 7.25
CD DLY M 4 8.77 16.41 7.29
CE DLY M 4 8.39 15.92 8.68
NZ DLY M 4 8.17 14.46 8.64
N DAL M 5 6.40 19.78 8.00
CA DAL M 5 5.96 20.81 8.93
CB DAL M 5 5.90 20.24 10.34
C DAL M 5 4.61 21.39 8.51
O DAL M 5 4.43 22.60 8.46
N DLE M 6 3.67 20.50 8.22
CA DLE M 6 2.34 20.90 7.75
CB DLE M 6 1.48 19.67 7.42
CG DLE M 6 0.91 18.86 8.57
CD1 DLE M 6 0.08 19.76 9.44
CD2 DLE M 6 0.08 17.74 8.03
C DLE M 6 2.44 21.76 6.52
O DLE M 6 1.74 22.76 6.40
N DLY M 7 3.30 21.35 5.59
CA DLY M 7 3.30 21.96 4.26
C DLY M 7 3.78 23.41 4.29
O DLY M 7 3.25 24.26 3.58
CB DLY M 7 4.08 21.12 3.25
CG DLY M 7 3.30 20.83 1.93
CD DLY M 7 3.01 22.11 1.11
CE DLY M 7 1.60 22.69 1.38
NZ DLY M 7 1.33 24.05 0.78
N DLY M 8 4.79 23.68 5.11
CA DLY M 8 5.29 25.04 5.21
C DLY M 8 4.33 25.94 5.96
O DLY M 8 4.02 27.04 5.51
CB DLY M 8 6.70 25.06 5.83
CG DLY M 8 7.72 25.88 5.01
CD DLY M 8 7.32 26.02 3.52
CE DLY M 8 7.65 24.77 2.68
NZ DLY M 8 6.77 24.67 1.46
N DLE M 9 3.82 25.43 7.08
CA DLE M 9 2.83 26.16 7.87
CB DLE M 9 2.56 25.44 9.20
CG DLE M 9 3.73 25.36 10.22
CD1 DLE M 9 3.86 26.65 11.04
CD2 DLE M 9 3.60 24.15 11.14
C DLE M 9 1.52 26.36 7.09
O DLE M 9 0.77 27.30 7.35
N DAL M 10 1.25 25.46 6.14
CA DAL M 10 0.07 25.61 5.27
CB DAL M 10 -0.25 24.30 4.55
C DAL M 10 0.30 26.73 4.26
O DAL M 10 -0.64 27.36 3.78
N DLY M 11 1.57 26.98 3.91
CA DLY M 11 1.90 28.04 2.97
C DLY M 11 1.86 29.40 3.66
O DLY M 11 1.59 30.43 3.01
CB DLY M 11 3.26 27.78 2.30
CG DLY M 11 3.19 26.92 1.03
CD DLY M 11 2.63 27.67 -0.18
CE DLY M 11 2.37 26.75 -1.37
NZ DLY M 11 1.06 26.05 -1.29
N DLE M 12 2.07 29.41 4.99
CA DLE M 12 2.20 30.65 5.77
CB DLE M 12 2.61 30.35 7.21
CG DLE M 12 4.10 30.37 7.54
CD1 DLE M 12 4.74 31.66 7.05
CD2 DLE M 12 4.31 30.19 9.04
C DLE M 12 0.93 31.49 5.77
O DLE M 12 0.97 32.71 5.99
N NH2 M 13 -0.21 30.83 5.55
N DLY N 1 -11.96 19.00 11.34
CA DLY N 1 -10.91 19.08 12.51
C DLY N 1 -9.46 18.59 12.34
O DLY N 1 -8.77 18.98 11.40
CB DLY N 1 -10.94 20.60 12.73
CG DLY N 1 -12.33 21.17 12.57
CD DLY N 1 -13.07 21.14 13.88
CE DLY N 1 -12.37 22.01 14.91
NZ DLY N 1 -12.09 23.39 14.37
N DTY N 2 -8.98 17.74 13.26
CA DTY N 2 -7.72 17.02 13.07
C DTY N 2 -6.55 17.43 13.98
O DTY N 2 -5.81 16.56 14.47
CB DTY N 2 -7.96 15.51 13.23
N DLY N 3 -6.35 18.73 14.18
CA DLY N 3 -5.29 19.23 15.07
C DLY N 3 -3.91 19.31 14.39
O DLY N 3 -3.07 20.14 14.77
CB DLY N 3 -5.67 20.58 15.67
N DLY N 4 -3.69 18.46 13.39
CA DLY N 4 -2.42 18.36 12.68
C DLY N 4 -1.51 17.37 13.40
O DLY N 4 -0.29 17.44 13.25
CB DLY N 4 -2.62 17.86 11.25
CG DLY N 4 -3.86 18.35 10.56
CD DLY N 4 -4.29 17.39 9.44
CE DLY N 4 -4.91 16.09 9.98
NZ DLY N 4 -5.86 15.42 9.03
N DAL N 5 -2.12 16.44 14.14
CA DAL N 5 -1.39 15.38 14.82
CB DAL N 5 -2.33 14.51 15.65
C DAL N 5 -0.29 15.96 15.70
O DAL N 5 0.90 15.87 15.36
N DLE N 6 -0.69 16.57 16.81
CA DLE N 6 0.27 17.19 17.72
CB DLE N 6 -0.41 17.65 19.01
CG DLE N 6 -0.18 16.67 20.17
CD1 DLE N 6 0.68 17.29 21.27
CD2 DLE N 6 -1.50 16.13 20.73
C DLE N 6 1.04 18.32 17.03
O DLE N 6 2.25 18.24 16.93
N DLY N 7 0.32 19.34 16.55
CA DLY N 7 0.91 20.49 15.86
C DLY N 7 2.12 20.18 14.94
O DLY N 7 3.24 20.55 15.24
CB DLY N 7 -0.18 21.24 15.06
N DLY N 8 1.85 19.48 13.83
CA DLY N 8 2.88 19.11 12.86
C DLY N 8 4.09 18.37 13.46
O DLY N 8 5.21 18.86 13.39
CB DLY N 8 2.27 18.23 11.76
N DLE N 9 3.84 17.20 14.04
CA DLE N 9 4.89 16.43 14.71
CB DLE N 9 4.32 15.14 15.30
C DLE N 9 5.57 17.26 15.79
O DLE N 9 6.75 17.59 15.67
N DAL N 10 4.82 17.64 16.84
CA DAL N 10 5.36 18.40 17.97
CB DAL N 10 4.33 18.50 19.12
C DAL N 10 5.90 19.80 17.62
O DAL N 10 6.06 20.65 18.50
N DLY N 11 6.20 20.03 16.34
CA DLY N 11 6.85 21.26 15.90
C DLY N 11 7.84 20.99 14.76
O DLY N 11 8.25 19.85 14.54
CB DLY N 11 5.79 22.27 15.44
C1 ZDC O . 12.65 -20.64 25.02
C1M ZDC O . 12.92 -19.15 24.80
C2 ZDC O . 12.09 -21.35 23.77
C3 ZDC O . 11.89 -22.81 24.16
C4 ZDC O . 13.12 -23.48 24.69
C5 ZDC O . 13.65 -22.64 25.86
C6 ZDC O . 13.48 -22.95 27.31
C7 ZDC O . 14.29 -22.00 28.21
O2 ZDC O . 13.04 -21.29 22.69
O3 ZDC O . 11.50 -23.56 22.99
O4 ZDC O . 12.76 -24.82 25.10
O5 ZDC O . 13.88 -21.29 25.45
O7A ZDC O . 13.71 -20.96 28.42
N DLY P . 15.68 -22.15 28.54
CA DLY P . 16.76 -21.45 29.23
C DLY P . 16.24 -20.64 30.44
O DLY P . 16.48 -19.43 30.55
CB DLY P . 17.87 -22.41 29.67
C1 ZDC Q . -0.11 -11.54 19.29
C1M ZDC Q . 1.10 -10.61 19.23
C2 ZDC Q . -0.28 -12.41 17.99
C3 ZDC Q . -1.50 -13.28 18.22
C4 ZDC Q . -1.32 -14.14 19.46
C5 ZDC Q . -1.11 -13.22 20.69
C6 ZDC Q . -2.14 -12.85 21.72
C7 ZDC Q . -1.60 -11.94 22.85
O2 ZDC Q . 0.85 -13.30 17.93
O3 ZDC Q . -1.65 -14.12 17.05
O4 ZDC Q . -2.46 -15.03 19.63
O5 ZDC Q . 0.02 -12.37 20.46
O7A ZDC Q . -2.33 -11.00 23.16
C1 ZDC R . 2.15 -0.84 7.36
C1M ZDC R . 3.33 -0.63 8.31
C2 ZDC R . 2.47 -1.76 6.15
C3 ZDC R . 1.19 -1.80 5.30
C4 ZDC R . -0.05 -2.18 6.11
C5 ZDC R . -0.15 -1.18 7.26
C6 ZDC R . -0.78 0.18 7.13
C7 ZDC R . -2.31 0.22 7.17
O2 ZDC R . 2.74 -3.09 6.66
O3 ZDC R . 1.31 -2.73 4.20
O4 ZDC R . -1.20 -2.09 5.24
O5 ZDC R . 1.00 -1.35 8.10
O7A ZDC R . -2.86 -0.68 6.60
C1 ZDC S . 17.55 1.90 1.92
C1M ZDC S . 17.75 1.55 3.40
C2 ZDC S . 17.50 0.62 1.06
C3 ZDC S . 17.36 1.14 -0.38
C4 ZDC S . 16.13 1.97 -0.59
C5 ZDC S . 16.25 3.18 0.34
C6 ZDC S . 16.78 4.47 -0.14
C7 ZDC S . 17.15 5.50 0.94
O2 ZDC S . 16.36 -0.19 1.41
O3 ZDC S . 17.36 0.07 -1.33
O4 ZDC S . 16.14 2.38 -1.97
O5 ZDC S . 16.38 2.76 1.70
O7A ZDC S . 18.12 5.23 1.61
C1 ZDC T . 30.16 -6.85 7.13
C1M ZDC T . 29.30 -6.52 8.34
C2 ZDC T . 29.81 -8.21 6.46
C3 ZDC T . 30.82 -8.40 5.30
C4 ZDC T . 30.72 -7.25 4.33
C5 ZDC T . 31.05 -5.95 5.13
C6 ZDC T . 32.42 -5.39 5.31
C7 ZDC T . 32.93 -4.59 4.11
O2 ZDC T . 28.47 -8.06 5.89
O3 ZDC T . 30.55 -9.63 4.59
O4 ZDC T . 31.55 -7.44 3.15
O5 ZDC T . 30.05 -5.76 6.16
O7A ZDC T . 32.52 -4.98 3.04
C1 ZDC U . 27.68 -17.47 19.29
C1M ZDC U . 26.70 -16.31 19.40
C2 ZDC U . 27.03 -18.68 18.56
C3 ZDC U . 28.11 -19.72 18.34
C4 ZDC U . 29.40 -19.16 17.76
C5 ZDC U . 29.90 -18.03 18.68
C6 ZDC U . 30.81 -18.22 19.86
C7 ZDC U . 32.33 -18.22 19.60
O2 ZDC U . 26.57 -18.28 17.25
O3 ZDC U . 27.56 -20.69 17.42
O4 ZDC U . 30.42 -20.19 17.67
O5 ZDC U . 28.90 -17.00 18.63
O7A ZDC U . 32.89 -17.16 19.76
C1 ZDC V . -25.45 20.65 -19.79
C1M ZDC V . -24.13 20.91 -19.06
C2 ZDC V . -25.73 19.12 -19.89
C3 ZDC V . -27.14 18.98 -20.48
C4 ZDC V . -28.18 19.74 -19.67
C5 ZDC V . -27.78 21.22 -19.78
C6 ZDC V . -28.28 22.14 -20.85
C7 ZDC V . -29.77 22.50 -20.73
O2 ZDC V . -25.71 18.55 -18.55
O3 ZDC V . -27.49 17.58 -20.55
O4 ZDC V . -29.52 19.55 -20.22
O5 ZDC V . -26.51 21.40 -19.14
O7A ZDC V . -30.27 22.90 -21.77
C1 ZDC W . -26.71 22.50 -3.77
C1M ZDC W . -25.49 22.85 -4.58
C2 ZDC W . -27.19 21.03 -3.94
C3 ZDC W . -28.54 21.01 -3.21
C4 ZDC W . -28.35 21.38 -1.76
C5 ZDC W . -27.77 22.82 -1.70
C6 ZDC W . -28.55 24.07 -1.64
C7 ZDC W . -27.75 25.39 -1.72
O2 ZDC W . -26.30 20.13 -3.23
O3 ZDC W . -29.09 19.68 -3.29
O4 ZDC W . -29.57 21.14 -0.98
O5 ZDC W . -26.50 22.79 -2.36
O7A ZDC W . -26.95 25.55 -0.82
C1 ZDC X . 0.12 8.52 -16.97
C1M ZDC X . -0.40 9.89 -16.60
C2 ZDC X . -0.56 7.34 -16.18
C3 ZDC X . 0.11 6.06 -16.68
C4 ZDC X . -0.01 5.95 -18.18
C5 ZDC X . 0.78 7.12 -18.77
C6 ZDC X . 2.26 7.10 -19.00
C7 ZDC X . 2.78 7.54 -20.36
O2 ZDC X . -1.97 7.28 -16.50
O3 ZDC X . -0.54 4.90 -16.10
O4 ZDC X . 0.51 4.67 -18.61
O5 ZDC X . 0.06 8.33 -18.41
O7A ZDC X . 2.17 8.48 -20.79
C1 ZDC Y . -12.48 12.79 -26.31
C1M ZDC Y . -12.02 13.61 -25.11
C2 ZDC Y . -12.89 11.34 -25.91
C3 ZDC Y . -13.29 10.64 -27.20
C4 ZDC Y . -14.32 11.40 -27.99
C5 ZDC Y . -13.82 12.83 -28.22
C6 ZDC Y . -13.10 13.29 -29.43
C7 ZDC Y . -12.48 14.68 -29.27
O2 ZDC Y . -14.04 11.38 -25.05
O3 ZDC Y . -13.89 9.37 -26.87
O4 ZDC Y . -14.60 10.71 -29.23
O5 ZDC Y . -13.58 13.46 -26.97
O7A ZDC Y . -13.24 15.50 -28.82
C1 ZDC Z . -1.18 10.47 -0.55
C1M ZDC Z . -1.86 11.64 -1.22
C2 ZDC Z . -2.15 9.28 -0.28
C3 ZDC Z . -1.30 8.21 0.39
C4 ZDC Z . -0.08 7.83 -0.43
C5 ZDC Z . 0.72 9.12 -0.62
C6 ZDC Z . 1.81 9.60 0.30
C7 ZDC Z . 2.36 11.02 0.05
O2 ZDC Z . -2.61 8.75 -1.54
O3 ZDC Z . -2.10 7.06 0.63
O4 ZDC Z . 0.71 6.81 0.25
O5 ZDC Z . -0.08 10.03 -1.37
O7A ZDC Z . 2.70 11.29 -1.06
C1 ZDC AA . -14.22 18.20 5.92
C1M ZDC AA . -13.95 18.80 4.55
C2 ZDC AA . -15.17 16.97 5.84
C3 ZDC AA . -15.27 16.43 7.25
C4 ZDC AA . -13.94 16.24 7.95
C5 ZDC AA . -13.20 17.58 7.96
C6 ZDC AA . -13.24 18.63 9.03
C7 ZDC AA . -12.45 18.29 10.30
O2 ZDC AA . -14.62 15.93 5.01
O3 ZDC AA . -15.95 15.17 7.18
O4 ZDC AA . -14.15 15.76 9.31
O5 ZDC AA . -12.97 17.93 6.60
O7A ZDC AA . -12.53 17.14 10.65
#